data_1H69
#
_entry.id   1H69
#
_cell.length_a   55.525
_cell.length_b   56.912
_cell.length_c   97.045
_cell.angle_alpha   77.06
_cell.angle_beta   76.81
_cell.angle_gamma   86.86
#
_symmetry.space_group_name_H-M   'P 1'
#
loop_
_entity.id
_entity.type
_entity.pdbx_description
1 polymer 'NAD(P)H DEHYDROGENASE [QUINONE] 1'
2 non-polymer 'FLAVIN-ADENINE DINUCLEOTIDE'
3 non-polymer 3-(HYDROXYMETHYL)-1-METHYL-5-(2-METHYLAZIRIDIN-1-YL)-2-PHENYL-1H-INDOLE-4,7-DIONE
4 water water
#
_entity_poly.entity_id   1
_entity_poly.type   'polypeptide(L)'
_entity_poly.pdbx_seq_one_letter_code
;AGRRALIVLAHSERTSFNYAMKEAAAAALKKKGWEVVESDLYAMNFNPIISRKDITGKLKDPANFQYPAESVLAYKEGHL
SPDIVAEQKKLEAADLVIFQFPLQWFGVPAILKGWFERVFIGEFAYTYAAMYDKGPFRSKKAVLSITTGGSGSMYSLQGI
HGDMNVILWPIQSGILHFCGFQVLEPQLTYSIGHTPADARIQILEGWKKRLENIWDETPLYFAPSSLFDLNFQAGFLMKK
EVQDEEKNKKFGLSVGHHLGKSIPTDNQIKARK
;
_entity_poly.pdbx_strand_id   A,B,C,D
#
# COMPACT_ATOMS: atom_id res chain seq x y z
N ALA A 1 -3.78 -1.86 12.27
CA ALA A 1 -3.31 -0.45 12.18
C ALA A 1 -4.46 0.51 12.44
N GLY A 2 -4.64 1.45 11.52
CA GLY A 2 -5.71 2.43 11.67
C GLY A 2 -6.51 2.62 10.39
N ARG A 3 -7.82 2.73 10.55
CA ARG A 3 -8.69 2.91 9.40
C ARG A 3 -9.62 4.08 9.67
N ARG A 4 -9.79 4.41 10.95
CA ARG A 4 -10.67 5.50 11.37
C ARG A 4 -9.97 6.71 11.97
N ALA A 5 -10.30 7.89 11.47
CA ALA A 5 -9.70 9.11 11.98
C ALA A 5 -10.74 10.18 12.30
N LEU A 6 -10.45 10.95 13.33
CA LEU A 6 -11.27 12.08 13.76
C LEU A 6 -10.34 13.28 13.76
N ILE A 7 -10.73 14.36 13.09
CA ILE A 7 -9.93 15.57 13.05
C ILE A 7 -10.72 16.66 13.76
N VAL A 8 -10.15 17.18 14.84
CA VAL A 8 -10.80 18.22 15.61
C VAL A 8 -10.12 19.53 15.25
N LEU A 9 -10.87 20.41 14.61
CA LEU A 9 -10.35 21.71 14.20
C LEU A 9 -10.92 22.81 15.09
N ALA A 10 -10.08 23.74 15.51
CA ALA A 10 -10.53 24.85 16.33
C ALA A 10 -10.12 26.19 15.72
N HIS A 11 -10.82 26.56 14.65
CA HIS A 11 -10.57 27.82 13.97
C HIS A 11 -11.87 28.29 13.31
N SER A 12 -12.20 29.57 13.48
CA SER A 12 -13.45 30.10 12.93
C SER A 12 -13.50 30.39 11.44
N GLU A 13 -12.36 30.67 10.84
CA GLU A 13 -12.34 31.03 9.42
C GLU A 13 -12.02 29.87 8.52
N ARG A 14 -12.86 29.63 7.51
CA ARG A 14 -12.56 28.54 6.61
C ARG A 14 -11.60 29.01 5.53
N THR A 15 -11.08 30.24 5.70
CA THR A 15 -10.11 30.83 4.77
C THR A 15 -8.70 30.79 5.36
N SER A 16 -8.61 30.31 6.60
CA SER A 16 -7.34 30.23 7.32
C SER A 16 -6.47 29.05 6.88
N PHE A 17 -5.18 29.10 7.26
CA PHE A 17 -4.27 28.03 6.94
C PHE A 17 -4.68 26.80 7.75
N ASN A 18 -5.25 27.03 8.92
CA ASN A 18 -5.69 25.94 9.79
C ASN A 18 -6.76 25.13 9.07
N TYR A 19 -7.71 25.81 8.43
CA TYR A 19 -8.75 25.12 7.69
C TYR A 19 -8.11 24.36 6.53
N ALA A 20 -7.08 24.95 5.94
CA ALA A 20 -6.37 24.34 4.82
C ALA A 20 -5.68 23.08 5.30
N MET A 21 -5.11 23.16 6.50
CA MET A 21 -4.39 22.02 7.07
C MET A 21 -5.36 20.90 7.39
N LYS A 22 -6.57 21.26 7.83
CA LYS A 22 -7.58 20.25 8.16
C LYS A 22 -7.99 19.52 6.88
N GLU A 23 -8.20 20.29 5.82
CA GLU A 23 -8.59 19.75 4.52
C GLU A 23 -7.51 18.85 3.92
N ALA A 24 -6.25 19.27 4.03
CA ALA A 24 -5.13 18.49 3.51
C ALA A 24 -5.08 17.13 4.18
N ALA A 25 -5.19 17.13 5.50
CA ALA A 25 -5.18 15.91 6.29
C ALA A 25 -6.32 14.96 5.89
N ALA A 26 -7.52 15.51 5.74
CA ALA A 26 -8.66 14.71 5.35
C ALA A 26 -8.40 14.08 3.97
N ALA A 27 -7.82 14.87 3.07
CA ALA A 27 -7.51 14.38 1.74
C ALA A 27 -6.48 13.26 1.79
N ALA A 28 -5.35 13.52 2.41
CA ALA A 28 -4.30 12.51 2.48
C ALA A 28 -4.79 11.19 3.06
N LEU A 29 -5.48 11.25 4.21
CA LEU A 29 -6.00 10.07 4.90
C LEU A 29 -6.99 9.24 4.09
N LYS A 30 -8.00 9.88 3.51
CA LYS A 30 -9.00 9.18 2.71
C LYS A 30 -8.30 8.47 1.55
N LYS A 31 -7.36 9.15 0.91
CA LYS A 31 -6.62 8.58 -0.22
C LYS A 31 -5.92 7.29 0.17
N LYS A 32 -5.39 7.23 1.39
CA LYS A 32 -4.71 6.02 1.83
C LYS A 32 -5.69 5.00 2.40
N GLY A 33 -6.99 5.23 2.19
CA GLY A 33 -7.99 4.28 2.66
C GLY A 33 -8.65 4.48 4.02
N TRP A 34 -8.29 5.55 4.74
CA TRP A 34 -8.90 5.82 6.05
C TRP A 34 -10.30 6.38 5.86
N GLU A 35 -11.11 6.31 6.90
CA GLU A 35 -12.41 6.93 6.83
C GLU A 35 -12.22 8.10 7.81
N VAL A 36 -12.53 9.31 7.34
CA VAL A 36 -12.32 10.50 8.13
C VAL A 36 -13.54 11.25 8.63
N VAL A 37 -13.64 11.40 9.95
CA VAL A 37 -14.73 12.12 10.59
C VAL A 37 -14.14 13.42 11.12
N GLU A 38 -14.99 14.44 11.21
CA GLU A 38 -14.56 15.74 11.68
C GLU A 38 -15.40 16.31 12.81
N SER A 39 -14.79 17.21 13.57
CA SER A 39 -15.45 17.92 14.64
C SER A 39 -14.90 19.33 14.49
N ASP A 40 -15.51 20.12 13.61
CA ASP A 40 -15.12 21.50 13.36
C ASP A 40 -15.89 22.28 14.45
N LEU A 41 -15.23 22.53 15.57
CA LEU A 41 -15.88 23.18 16.68
C LEU A 41 -16.62 24.49 16.36
N TYR A 42 -16.01 25.38 15.61
CA TYR A 42 -16.70 26.63 15.27
C TYR A 42 -17.87 26.37 14.34
N ALA A 43 -17.65 25.53 13.34
CA ALA A 43 -18.70 25.20 12.38
C ALA A 43 -19.88 24.57 13.11
N MET A 44 -19.59 23.76 14.13
CA MET A 44 -20.63 23.09 14.91
C MET A 44 -21.24 24.01 15.96
N ASN A 45 -20.63 25.19 16.13
CA ASN A 45 -21.11 26.13 17.13
C ASN A 45 -21.07 25.39 18.46
N PHE A 46 -19.99 24.64 18.66
CA PHE A 46 -19.80 23.84 19.86
C PHE A 46 -19.89 24.65 21.15
N ASN A 47 -20.56 24.09 22.17
CA ASN A 47 -20.72 24.72 23.49
C ASN A 47 -19.52 24.29 24.34
N PRO A 48 -18.59 25.22 24.61
CA PRO A 48 -17.40 24.89 25.40
C PRO A 48 -17.48 25.08 26.91
N ILE A 49 -18.64 25.47 27.41
CA ILE A 49 -18.81 25.73 28.85
C ILE A 49 -19.44 24.60 29.65
N ILE A 50 -18.69 24.00 30.58
CA ILE A 50 -19.26 22.94 31.38
C ILE A 50 -20.29 23.56 32.33
N SER A 51 -21.38 22.84 32.58
CA SER A 51 -22.43 23.30 33.48
C SER A 51 -23.31 22.12 33.87
N ARG A 52 -24.21 22.32 34.82
CA ARG A 52 -25.10 21.24 35.23
C ARG A 52 -26.02 20.82 34.08
N LYS A 53 -26.09 21.66 33.04
CA LYS A 53 -26.90 21.36 31.87
C LYS A 53 -26.29 20.21 31.08
N ASP A 54 -25.04 19.86 31.40
CA ASP A 54 -24.36 18.76 30.72
C ASP A 54 -24.97 17.41 31.15
N ILE A 55 -25.77 17.45 32.20
CA ILE A 55 -26.47 16.26 32.71
C ILE A 55 -27.97 16.51 32.47
N THR A 56 -28.61 15.64 31.68
CA THR A 56 -30.04 15.80 31.38
C THR A 56 -30.89 15.17 32.47
N GLY A 57 -30.45 14.03 32.99
CA GLY A 57 -31.20 13.36 34.04
C GLY A 57 -31.22 14.13 35.34
N LYS A 58 -31.78 13.53 36.38
CA LYS A 58 -31.83 14.19 37.68
C LYS A 58 -30.45 14.09 38.30
N LEU A 59 -30.04 15.13 39.02
CA LEU A 59 -28.74 15.13 39.67
C LEU A 59 -28.84 14.36 40.98
N LYS A 60 -27.71 13.88 41.49
CA LYS A 60 -27.70 13.17 42.75
C LYS A 60 -27.74 14.19 43.89
N ASP A 61 -26.92 15.23 43.76
CA ASP A 61 -26.84 16.27 44.77
C ASP A 61 -27.05 17.66 44.16
N PRO A 62 -28.27 17.94 43.66
CA PRO A 62 -28.59 19.23 43.05
C PRO A 62 -28.22 20.49 43.84
N ALA A 63 -28.27 20.42 45.17
CA ALA A 63 -27.94 21.58 46.00
C ALA A 63 -26.42 21.81 46.10
N ASN A 64 -25.63 20.75 46.08
CA ASN A 64 -24.17 20.85 46.12
C ASN A 64 -23.71 20.19 44.82
N PHE A 65 -23.85 20.93 43.71
CA PHE A 65 -23.46 20.39 42.41
C PHE A 65 -21.95 20.25 42.23
N GLN A 66 -21.52 19.03 41.91
CA GLN A 66 -20.11 18.75 41.67
C GLN A 66 -19.98 18.07 40.31
N TYR A 67 -19.41 18.81 39.37
CA TYR A 67 -19.26 18.32 37.99
C TYR A 67 -18.60 16.96 37.83
N PRO A 68 -17.43 16.76 38.45
CA PRO A 68 -16.79 15.45 38.29
C PRO A 68 -17.72 14.26 38.55
N ALA A 69 -18.27 14.16 39.75
CA ALA A 69 -19.13 13.02 40.09
C ALA A 69 -20.47 12.94 39.34
N GLU A 70 -21.15 14.08 39.20
CA GLU A 70 -22.44 14.11 38.52
C GLU A 70 -22.32 13.72 37.05
N SER A 71 -21.25 14.19 36.40
CA SER A 71 -21.03 13.88 34.99
C SER A 71 -20.62 12.42 34.81
N VAL A 72 -19.82 11.87 35.75
CA VAL A 72 -19.41 10.47 35.65
C VAL A 72 -20.65 9.61 35.78
N LEU A 73 -21.48 9.97 36.76
CA LEU A 73 -22.74 9.28 37.04
C LEU A 73 -23.65 9.35 35.81
N ALA A 74 -23.70 10.53 35.19
CA ALA A 74 -24.51 10.73 33.99
C ALA A 74 -23.98 9.87 32.85
N TYR A 75 -22.66 9.78 32.75
CA TYR A 75 -22.06 8.97 31.69
C TYR A 75 -22.51 7.52 31.85
N LYS A 76 -22.44 7.04 33.09
CA LYS A 76 -22.81 5.67 33.42
C LYS A 76 -24.28 5.36 33.22
N GLU A 77 -25.17 6.28 33.61
CA GLU A 77 -26.61 6.04 33.47
C GLU A 77 -27.17 6.44 32.11
N GLY A 78 -26.31 6.98 31.25
CA GLY A 78 -26.73 7.41 29.93
C GLY A 78 -27.51 8.71 29.92
N HIS A 79 -27.18 9.62 30.84
CA HIS A 79 -27.87 10.91 30.92
C HIS A 79 -27.00 12.12 30.57
N LEU A 80 -25.99 11.94 29.74
CA LEU A 80 -25.14 13.06 29.35
C LEU A 80 -25.83 13.82 28.23
N SER A 81 -25.66 15.14 28.21
CA SER A 81 -26.25 15.95 27.17
C SER A 81 -25.90 15.28 25.83
N PRO A 82 -26.85 15.25 24.89
CA PRO A 82 -26.69 14.65 23.56
C PRO A 82 -25.49 15.15 22.74
N ASP A 83 -25.22 16.46 22.79
CA ASP A 83 -24.11 16.99 21.99
C ASP A 83 -22.79 16.40 22.45
N ILE A 84 -22.66 16.22 23.75
CA ILE A 84 -21.46 15.63 24.34
C ILE A 84 -21.35 14.20 23.85
N VAL A 85 -22.40 13.42 24.08
CA VAL A 85 -22.45 12.03 23.67
C VAL A 85 -22.08 11.84 22.19
N ALA A 86 -22.51 12.78 21.35
CA ALA A 86 -22.19 12.69 19.92
C ALA A 86 -20.68 12.74 19.70
N GLU A 87 -19.99 13.56 20.48
CA GLU A 87 -18.53 13.69 20.37
C GLU A 87 -17.86 12.45 20.93
N GLN A 88 -18.41 11.94 22.03
CA GLN A 88 -17.88 10.75 22.66
C GLN A 88 -17.96 9.57 21.71
N LYS A 89 -19.04 9.50 20.94
CA LYS A 89 -19.18 8.42 19.98
C LYS A 89 -18.14 8.53 18.87
N LYS A 90 -17.76 9.75 18.52
CA LYS A 90 -16.75 9.95 17.48
C LYS A 90 -15.38 9.48 17.99
N LEU A 91 -15.07 9.80 19.25
CA LEU A 91 -13.81 9.39 19.84
C LEU A 91 -13.67 7.89 19.93
N GLU A 92 -14.75 7.22 20.34
CA GLU A 92 -14.73 5.78 20.46
C GLU A 92 -14.46 5.13 19.12
N ALA A 93 -14.98 5.72 18.05
CA ALA A 93 -14.79 5.15 16.73
C ALA A 93 -13.41 5.38 16.13
N ALA A 94 -12.76 6.47 16.50
CA ALA A 94 -11.46 6.81 15.95
C ALA A 94 -10.26 6.05 16.51
N ASP A 95 -9.33 5.75 15.60
CA ASP A 95 -8.07 5.08 15.91
C ASP A 95 -7.05 6.20 16.06
N LEU A 96 -7.13 7.17 15.17
CA LEU A 96 -6.22 8.30 15.18
C LEU A 96 -7.01 9.58 15.41
N VAL A 97 -6.51 10.47 16.24
CA VAL A 97 -7.18 11.74 16.48
C VAL A 97 -6.23 12.91 16.25
N ILE A 98 -6.59 13.78 15.31
CA ILE A 98 -5.78 14.93 14.98
C ILE A 98 -6.42 16.19 15.53
N PHE A 99 -5.60 17.04 16.13
CA PHE A 99 -6.06 18.30 16.70
C PHE A 99 -5.40 19.39 15.89
N GLN A 100 -6.21 20.12 15.14
CA GLN A 100 -5.72 21.22 14.32
C GLN A 100 -6.17 22.55 14.91
N PHE A 101 -5.21 23.37 15.31
CA PHE A 101 -5.56 24.65 15.91
C PHE A 101 -4.36 25.58 15.97
N PRO A 102 -4.61 26.90 16.03
CA PRO A 102 -3.51 27.86 16.12
C PRO A 102 -3.21 27.95 17.60
N LEU A 103 -1.95 28.18 17.97
CA LEU A 103 -1.58 28.31 19.37
C LEU A 103 -2.11 29.65 19.86
N GLN A 104 -2.87 29.66 20.95
CA GLN A 104 -3.41 30.91 21.47
C GLN A 104 -3.08 31.03 22.95
N TRP A 105 -2.39 32.11 23.28
CA TRP A 105 -1.94 32.35 24.63
C TRP A 105 -1.30 31.09 25.16
N PHE A 106 -0.38 30.58 24.36
CA PHE A 106 0.41 29.39 24.67
C PHE A 106 -0.37 28.17 25.08
N GLY A 107 -1.47 27.90 24.39
CA GLY A 107 -2.26 26.72 24.71
C GLY A 107 -3.27 26.53 23.62
N VAL A 108 -4.28 25.69 23.86
CA VAL A 108 -5.32 25.43 22.87
C VAL A 108 -6.39 26.50 22.98
N PRO A 109 -7.09 26.78 21.86
CA PRO A 109 -8.14 27.81 21.93
C PRO A 109 -9.14 27.43 23.02
N ALA A 110 -9.82 28.41 23.60
CA ALA A 110 -10.81 28.15 24.64
C ALA A 110 -11.89 27.20 24.18
N ILE A 111 -12.24 27.25 22.88
CA ILE A 111 -13.30 26.38 22.40
C ILE A 111 -12.89 24.90 22.38
N LEU A 112 -11.58 24.67 22.23
CA LEU A 112 -11.02 23.31 22.23
C LEU A 112 -10.86 22.84 23.67
N LYS A 113 -10.41 23.74 24.54
CA LYS A 113 -10.25 23.41 25.95
C LYS A 113 -11.61 23.00 26.50
N GLY A 114 -12.66 23.73 26.12
CA GLY A 114 -14.02 23.41 26.59
C GLY A 114 -14.52 22.08 26.07
N TRP A 115 -14.01 21.69 24.90
CA TRP A 115 -14.37 20.43 24.27
C TRP A 115 -13.79 19.28 25.12
N PHE A 116 -12.57 19.48 25.61
CA PHE A 116 -11.92 18.48 26.46
C PHE A 116 -12.68 18.39 27.79
N GLU A 117 -12.97 19.54 28.37
CA GLU A 117 -13.65 19.58 29.64
C GLU A 117 -15.03 18.90 29.61
N ARG A 118 -15.77 19.06 28.52
CA ARG A 118 -17.09 18.46 28.47
C ARG A 118 -17.10 17.03 27.92
N VAL A 119 -16.19 16.74 27.00
CA VAL A 119 -16.16 15.43 26.38
C VAL A 119 -15.35 14.36 27.10
N PHE A 120 -14.20 14.73 27.67
CA PHE A 120 -13.37 13.77 28.40
C PHE A 120 -13.92 13.62 29.81
N ILE A 121 -15.06 12.94 29.91
CA ILE A 121 -15.75 12.70 31.18
C ILE A 121 -15.12 11.49 31.88
N GLY A 122 -15.18 11.47 33.20
CA GLY A 122 -14.61 10.36 33.92
C GLY A 122 -15.22 9.03 33.48
N GLU A 123 -14.47 7.95 33.65
CA GLU A 123 -14.93 6.62 33.27
C GLU A 123 -14.85 6.46 31.75
N PHE A 124 -15.42 7.41 31.01
CA PHE A 124 -15.38 7.36 29.55
C PHE A 124 -13.94 7.54 29.04
N ALA A 125 -13.34 8.69 29.32
CA ALA A 125 -12.00 9.02 28.87
C ALA A 125 -10.87 8.70 29.87
N TYR A 126 -11.22 8.48 31.12
CA TYR A 126 -10.19 8.17 32.11
C TYR A 126 -10.73 7.59 33.41
N THR A 127 -9.83 7.04 34.21
CA THR A 127 -10.17 6.46 35.51
C THR A 127 -8.92 6.50 36.39
N TYR A 128 -9.07 6.90 37.63
CA TYR A 128 -7.93 6.98 38.53
C TYR A 128 -7.25 5.62 38.69
N ALA A 129 -8.01 4.55 38.53
CA ALA A 129 -7.48 3.18 38.65
C ALA A 129 -6.57 2.78 37.48
N ALA A 130 -6.73 3.45 36.35
CA ALA A 130 -5.93 3.15 35.16
C ALA A 130 -5.51 4.42 34.45
N MET A 131 -4.67 5.22 35.12
CA MET A 131 -4.18 6.48 34.56
C MET A 131 -3.11 6.30 33.48
N TYR A 132 -2.89 7.37 32.73
CA TYR A 132 -1.90 7.41 31.67
C TYR A 132 -1.84 6.23 30.71
N ASP A 133 -0.70 5.53 30.60
CA ASP A 133 -0.63 4.42 29.65
C ASP A 133 -1.70 3.35 29.77
N LYS A 134 -2.35 3.26 30.92
CA LYS A 134 -3.40 2.26 31.14
C LYS A 134 -4.81 2.83 30.86
N GLY A 135 -4.87 4.10 30.45
CA GLY A 135 -6.15 4.75 30.17
C GLY A 135 -7.00 4.12 29.09
N PRO A 136 -8.29 4.50 29.00
CA PRO A 136 -9.24 3.97 28.01
C PRO A 136 -8.84 4.14 26.53
N PHE A 137 -8.01 5.14 26.24
CA PHE A 137 -7.60 5.39 24.85
C PHE A 137 -6.22 4.85 24.48
N ARG A 138 -5.75 3.83 25.19
CA ARG A 138 -4.43 3.26 24.95
C ARG A 138 -4.22 2.64 23.56
N SER A 139 -5.30 2.30 22.88
CA SER A 139 -5.20 1.72 21.54
C SER A 139 -5.30 2.83 20.49
N LYS A 140 -5.42 4.07 20.94
CA LYS A 140 -5.53 5.20 20.03
C LYS A 140 -4.24 6.02 20.03
N LYS A 141 -4.10 6.85 19.00
CA LYS A 141 -2.94 7.72 18.87
C LYS A 141 -3.42 9.12 18.58
N ALA A 142 -2.87 10.11 19.29
CA ALA A 142 -3.27 11.50 19.06
C ALA A 142 -2.07 12.31 18.56
N VAL A 143 -2.37 13.37 17.80
CA VAL A 143 -1.35 14.27 17.26
C VAL A 143 -1.86 15.68 17.25
N LEU A 144 -1.01 16.61 17.67
CA LEU A 144 -1.35 18.02 17.66
C LEU A 144 -0.67 18.63 16.44
N SER A 145 -1.43 19.38 15.65
CA SER A 145 -0.88 20.09 14.49
C SER A 145 -1.13 21.55 14.86
N ILE A 146 -0.07 22.26 15.19
CA ILE A 146 -0.21 23.64 15.62
C ILE A 146 0.41 24.68 14.70
N THR A 147 -0.26 25.83 14.59
CA THR A 147 0.24 26.95 13.79
C THR A 147 0.57 28.02 14.83
N THR A 148 1.62 28.76 14.56
CA THR A 148 2.08 29.78 15.50
C THR A 148 2.31 31.16 14.89
N GLY A 149 2.15 32.18 15.73
CA GLY A 149 2.38 33.53 15.26
C GLY A 149 3.88 33.77 15.33
N GLY A 150 4.48 33.36 16.44
CA GLY A 150 5.90 33.56 16.61
C GLY A 150 6.80 32.58 15.89
N SER A 151 8.04 32.99 15.68
CA SER A 151 9.04 32.17 15.01
C SER A 151 9.53 31.03 15.88
N GLY A 152 10.00 29.98 15.23
CA GLY A 152 10.51 28.83 15.94
C GLY A 152 11.67 29.17 16.85
N SER A 153 12.42 30.23 16.52
CA SER A 153 13.57 30.61 17.34
C SER A 153 13.09 31.16 18.69
N MET A 154 11.95 31.84 18.66
CA MET A 154 11.38 32.40 19.87
C MET A 154 11.03 31.28 20.84
N TYR A 155 10.84 30.08 20.31
CA TYR A 155 10.48 28.93 21.13
C TYR A 155 11.60 27.92 21.36
N SER A 156 12.83 28.27 20.95
CA SER A 156 13.99 27.41 21.14
C SER A 156 14.37 27.56 22.61
N LEU A 157 15.42 26.88 23.06
CA LEU A 157 15.84 26.98 24.46
C LEU A 157 16.24 28.39 24.86
N GLN A 158 16.81 29.14 23.90
CA GLN A 158 17.24 30.51 24.18
C GLN A 158 16.34 31.61 23.63
N GLY A 159 15.13 31.24 23.18
CA GLY A 159 14.19 32.23 22.66
C GLY A 159 13.42 32.86 23.79
N ILE A 160 12.92 34.09 23.59
CA ILE A 160 12.17 34.79 24.64
C ILE A 160 10.99 34.06 25.24
N HIS A 161 10.21 33.38 24.40
CA HIS A 161 9.05 32.66 24.91
C HIS A 161 9.46 31.47 25.76
N GLY A 162 10.55 30.82 25.40
CA GLY A 162 10.98 29.68 26.16
C GLY A 162 10.74 28.42 25.37
N ASP A 163 11.21 27.30 25.93
CA ASP A 163 11.11 26.00 25.29
C ASP A 163 9.68 25.53 25.02
N MET A 164 9.37 25.34 23.74
CA MET A 164 8.07 24.89 23.31
C MET A 164 7.71 23.57 23.97
N ASN A 165 8.71 22.80 24.37
CA ASN A 165 8.46 21.50 25.02
C ASN A 165 7.74 21.64 26.34
N VAL A 166 7.99 22.75 27.04
CA VAL A 166 7.34 23.04 28.32
C VAL A 166 5.87 23.42 28.08
N ILE A 167 5.64 24.18 27.02
CA ILE A 167 4.30 24.62 26.64
C ILE A 167 3.43 23.42 26.24
N LEU A 168 4.03 22.49 25.49
CA LEU A 168 3.36 21.30 24.99
C LEU A 168 2.99 20.28 26.07
N TRP A 169 3.80 20.20 27.11
CA TRP A 169 3.60 19.22 28.17
C TRP A 169 2.21 19.12 28.80
N PRO A 170 1.68 20.24 29.31
CA PRO A 170 0.36 20.17 29.95
C PRO A 170 -0.75 19.63 29.06
N ILE A 171 -0.54 19.70 27.74
CA ILE A 171 -1.53 19.21 26.78
C ILE A 171 -1.29 17.75 26.39
N GLN A 172 -0.06 17.45 25.97
CA GLN A 172 0.26 16.11 25.53
C GLN A 172 0.29 15.09 26.64
N SER A 173 0.80 15.47 27.81
CA SER A 173 0.84 14.55 28.93
C SER A 173 -0.40 14.67 29.81
N GLY A 174 -0.73 15.90 30.19
CA GLY A 174 -1.88 16.14 31.06
C GLY A 174 -3.25 15.75 30.55
N ILE A 175 -3.53 16.09 29.28
CA ILE A 175 -4.83 15.79 28.69
C ILE A 175 -4.85 14.49 27.89
N LEU A 176 -3.98 14.40 26.88
CA LEU A 176 -3.95 13.23 26.02
C LEU A 176 -3.44 11.92 26.61
N HIS A 177 -2.20 11.92 27.10
CA HIS A 177 -1.63 10.70 27.65
C HIS A 177 -2.33 10.24 28.92
N PHE A 178 -2.83 11.19 29.71
CA PHE A 178 -3.52 10.85 30.94
C PHE A 178 -4.69 9.89 30.64
N CYS A 179 -5.30 10.07 29.47
CA CYS A 179 -6.42 9.24 29.03
C CYS A 179 -5.99 7.98 28.28
N GLY A 180 -4.68 7.73 28.19
CA GLY A 180 -4.20 6.54 27.52
C GLY A 180 -3.63 6.72 26.12
N PHE A 181 -3.89 7.88 25.52
CA PHE A 181 -3.40 8.16 24.18
C PHE A 181 -1.90 8.00 24.02
N GLN A 182 -1.51 7.49 22.85
CA GLN A 182 -0.10 7.39 22.49
C GLN A 182 -0.05 8.73 21.78
N VAL A 183 0.87 9.59 22.17
CA VAL A 183 0.95 10.90 21.57
C VAL A 183 2.08 10.95 20.55
N LEU A 184 1.75 11.21 19.29
CA LEU A 184 2.75 11.26 18.25
C LEU A 184 3.38 12.64 18.18
N GLU A 185 4.52 12.74 17.50
CA GLU A 185 5.22 14.01 17.39
C GLU A 185 4.29 15.09 16.85
N PRO A 186 4.25 16.25 17.52
CA PRO A 186 3.38 17.35 17.08
C PRO A 186 3.86 17.90 15.75
N GLN A 187 2.93 18.39 14.95
CA GLN A 187 3.29 18.99 13.66
C GLN A 187 3.31 20.47 13.99
N LEU A 188 4.50 21.04 14.07
CA LEU A 188 4.66 22.45 14.42
C LEU A 188 4.92 23.33 13.21
N THR A 189 4.05 24.29 12.95
CA THR A 189 4.26 25.18 11.83
C THR A 189 4.37 26.60 12.38
N TYR A 190 5.62 27.05 12.57
CA TYR A 190 5.90 28.37 13.13
C TYR A 190 5.76 29.57 12.19
N SER A 191 5.42 30.70 12.78
CA SER A 191 5.25 31.95 12.06
C SER A 191 4.60 31.72 10.72
N ILE A 192 3.36 31.24 10.75
CA ILE A 192 2.64 30.97 9.52
C ILE A 192 2.23 32.27 8.84
N GLY A 193 2.10 33.33 9.63
CA GLY A 193 1.73 34.61 9.06
C GLY A 193 2.88 35.25 8.31
N HIS A 194 4.07 34.71 8.48
CA HIS A 194 5.29 35.22 7.84
C HIS A 194 5.89 34.27 6.81
N THR A 195 5.14 33.25 6.42
CA THR A 195 5.63 32.27 5.48
C THR A 195 5.18 32.50 4.02
N PRO A 196 6.14 32.60 3.09
CA PRO A 196 5.90 32.81 1.65
C PRO A 196 4.85 31.86 1.07
N ALA A 197 4.27 32.25 -0.05
CA ALA A 197 3.23 31.44 -0.68
C ALA A 197 3.70 30.04 -1.06
N ASP A 198 4.89 29.93 -1.62
CA ASP A 198 5.40 28.64 -2.04
C ASP A 198 5.71 27.75 -0.83
N ALA A 199 6.26 28.36 0.21
CA ALA A 199 6.59 27.65 1.43
C ALA A 199 5.32 27.08 2.09
N ARG A 200 4.24 27.87 2.11
CA ARG A 200 2.98 27.43 2.70
C ARG A 200 2.47 26.19 1.96
N ILE A 201 2.64 26.20 0.63
CA ILE A 201 2.23 25.10 -0.23
C ILE A 201 2.96 23.82 0.15
N GLN A 202 4.27 23.95 0.38
CA GLN A 202 5.10 22.81 0.73
C GLN A 202 4.71 22.27 2.10
N ILE A 203 4.33 23.18 2.99
CA ILE A 203 3.91 22.79 4.34
C ILE A 203 2.70 21.85 4.24
N LEU A 204 1.75 22.21 3.39
CA LEU A 204 0.58 21.37 3.20
C LEU A 204 0.97 20.02 2.62
N GLU A 205 1.90 20.02 1.68
CA GLU A 205 2.34 18.78 1.06
C GLU A 205 3.18 17.94 2.01
N GLY A 206 3.92 18.59 2.89
CA GLY A 206 4.73 17.88 3.85
C GLY A 206 3.86 17.22 4.91
N TRP A 207 2.76 17.89 5.27
CA TRP A 207 1.83 17.37 6.27
C TRP A 207 1.16 16.12 5.68
N LYS A 208 0.66 16.23 4.44
CA LYS A 208 0.03 15.09 3.79
C LYS A 208 1.01 13.93 3.70
N LYS A 209 2.24 14.21 3.25
CA LYS A 209 3.26 13.18 3.13
C LYS A 209 3.40 12.40 4.43
N ARG A 210 3.49 13.12 5.55
CA ARG A 210 3.65 12.48 6.86
C ARG A 210 2.47 11.57 7.19
N LEU A 211 1.26 12.04 6.92
CA LEU A 211 0.06 11.27 7.23
C LEU A 211 0.01 9.94 6.48
N GLU A 212 0.80 9.80 5.44
CA GLU A 212 0.84 8.55 4.68
C GLU A 212 1.30 7.35 5.52
N ASN A 213 2.16 7.60 6.51
CA ASN A 213 2.70 6.56 7.38
C ASN A 213 2.66 7.00 8.84
N ILE A 214 1.68 7.84 9.17
CA ILE A 214 1.55 8.37 10.53
C ILE A 214 1.33 7.29 11.59
N TRP A 215 0.59 6.25 11.22
CA TRP A 215 0.26 5.20 12.18
C TRP A 215 1.41 4.29 12.60
N ASP A 216 2.47 4.26 11.83
CA ASP A 216 3.60 3.41 12.13
C ASP A 216 4.71 4.13 12.90
N GLU A 217 4.50 5.41 13.17
CA GLU A 217 5.49 6.18 13.91
C GLU A 217 5.64 5.74 15.37
N THR A 218 6.80 6.02 15.94
CA THR A 218 7.04 5.69 17.32
C THR A 218 6.58 6.94 18.08
N PRO A 219 5.74 6.76 19.10
CA PRO A 219 5.25 7.91 19.86
C PRO A 219 6.25 8.55 20.80
N LEU A 220 5.93 9.77 21.25
CA LEU A 220 6.77 10.55 22.16
C LEU A 220 6.96 9.76 23.45
N TYR A 221 8.00 10.08 24.21
CA TYR A 221 8.26 9.37 25.46
C TYR A 221 7.69 10.01 26.73
N PHE A 222 6.98 9.20 27.52
CA PHE A 222 6.40 9.59 28.81
C PHE A 222 6.86 8.49 29.75
N ALA A 223 7.18 8.84 30.98
CA ALA A 223 7.60 7.83 31.95
C ALA A 223 6.41 6.88 32.15
N PRO A 224 6.64 5.57 31.97
CA PRO A 224 5.51 4.65 32.17
C PRO A 224 4.98 4.65 33.61
N SER A 225 3.71 4.32 33.76
CA SER A 225 3.07 4.30 35.06
C SER A 225 3.61 3.18 35.95
N SER A 226 4.34 2.25 35.33
CA SER A 226 4.92 1.13 36.08
C SER A 226 6.04 1.60 37.01
N LEU A 227 6.43 2.86 36.88
CA LEU A 227 7.48 3.38 37.74
C LEU A 227 6.91 4.08 38.97
N PHE A 228 5.59 4.12 39.10
CA PHE A 228 4.96 4.80 40.24
C PHE A 228 4.08 3.91 41.12
N ASP A 229 4.00 4.22 42.41
CA ASP A 229 3.13 3.46 43.32
C ASP A 229 1.74 4.06 43.18
N LEU A 230 1.00 3.55 42.20
CA LEU A 230 -0.34 4.02 41.90
C LEU A 230 -1.41 3.71 42.94
N ASN A 231 -1.36 4.40 44.08
CA ASN A 231 -2.34 4.21 45.14
C ASN A 231 -2.26 5.44 46.03
N PHE A 232 -3.42 6.00 46.35
CA PHE A 232 -3.49 7.20 47.19
C PHE A 232 -2.54 7.13 48.39
N GLN A 233 -2.38 5.94 48.94
CA GLN A 233 -1.52 5.72 50.09
C GLN A 233 -0.08 6.22 49.90
N ALA A 234 0.61 5.75 48.85
CA ALA A 234 1.99 6.15 48.60
C ALA A 234 2.11 7.56 48.03
N GLY A 235 0.97 8.17 47.72
CA GLY A 235 0.97 9.53 47.17
C GLY A 235 1.34 9.57 45.70
N PHE A 236 1.02 8.50 44.98
CA PHE A 236 1.32 8.37 43.56
C PHE A 236 2.71 8.87 43.27
N LEU A 237 3.65 8.40 44.07
CA LEU A 237 5.04 8.78 43.88
C LEU A 237 5.80 7.63 43.24
N MET A 238 6.87 8.00 42.57
CA MET A 238 7.74 7.07 41.89
C MET A 238 8.20 6.00 42.88
N LYS A 239 8.24 4.74 42.45
CA LYS A 239 8.67 3.66 43.32
C LYS A 239 10.10 3.94 43.80
N LYS A 240 10.36 3.61 45.08
CA LYS A 240 11.67 3.85 45.67
C LYS A 240 12.83 3.21 44.93
N GLU A 241 12.66 1.96 44.48
CA GLU A 241 13.72 1.28 43.76
C GLU A 241 14.03 2.09 42.50
N VAL A 242 12.96 2.60 41.88
CA VAL A 242 13.06 3.42 40.67
C VAL A 242 13.76 4.74 40.94
N GLN A 243 13.46 5.33 42.10
CA GLN A 243 14.07 6.59 42.48
C GLN A 243 15.57 6.45 42.67
N ASP A 244 15.99 5.30 43.17
CA ASP A 244 17.40 5.04 43.40
C ASP A 244 18.13 4.94 42.09
N GLU A 245 17.69 4.00 41.24
CA GLU A 245 18.33 3.80 39.94
C GLU A 245 18.57 5.11 39.20
N GLU A 246 17.60 6.01 39.26
CA GLU A 246 17.69 7.29 38.57
C GLU A 246 18.73 8.22 39.16
N LYS A 247 18.93 8.15 40.47
CA LYS A 247 19.90 9.02 41.12
C LYS A 247 21.27 9.07 40.47
N ASN A 248 21.55 8.13 39.57
CA ASN A 248 22.85 8.07 38.90
C ASN A 248 22.75 8.37 37.42
N LYS A 249 21.53 8.68 36.98
CA LYS A 249 21.27 9.01 35.58
C LYS A 249 21.45 10.50 35.40
N LYS A 250 22.11 10.88 34.32
CA LYS A 250 22.34 12.29 34.01
C LYS A 250 21.02 13.05 33.72
N PHE A 251 20.26 12.58 32.76
CA PHE A 251 19.01 13.23 32.38
C PHE A 251 17.81 12.78 33.20
N GLY A 252 16.75 13.57 33.13
CA GLY A 252 15.51 13.24 33.82
C GLY A 252 14.80 12.29 32.88
N LEU A 253 13.53 11.98 33.15
CA LEU A 253 12.78 11.05 32.30
C LEU A 253 11.98 11.75 31.19
N SER A 254 11.46 12.94 31.51
CA SER A 254 10.68 13.72 30.56
C SER A 254 10.57 15.15 31.07
N VAL A 255 9.77 15.96 30.39
CA VAL A 255 9.58 17.37 30.79
C VAL A 255 9.01 17.51 32.19
N GLY A 256 7.89 16.84 32.44
CA GLY A 256 7.26 16.93 33.76
C GLY A 256 8.03 16.14 34.79
N HIS A 257 8.69 15.09 34.32
CA HIS A 257 9.49 14.24 35.17
C HIS A 257 10.97 14.47 34.91
N HIS A 258 11.36 15.74 35.04
CA HIS A 258 12.74 16.16 34.85
C HIS A 258 13.56 15.83 36.09
N LEU A 259 12.86 15.54 37.19
CA LEU A 259 13.50 15.18 38.47
C LEU A 259 14.63 16.12 38.89
N GLY A 260 14.47 17.42 38.65
CA GLY A 260 15.50 18.36 39.03
C GLY A 260 16.75 18.30 38.17
N LYS A 261 16.81 17.31 37.28
CA LYS A 261 17.95 17.16 36.40
C LYS A 261 17.62 17.70 35.01
N SER A 262 18.54 17.49 34.07
CA SER A 262 18.35 17.96 32.70
C SER A 262 17.20 17.24 32.00
N ILE A 263 16.51 17.96 31.12
CA ILE A 263 15.38 17.42 30.37
C ILE A 263 15.83 16.90 29.02
N PRO A 264 15.65 15.61 28.76
CA PRO A 264 16.06 15.06 27.46
C PRO A 264 15.57 15.95 26.33
N THR A 265 16.47 16.32 25.42
CA THR A 265 16.16 17.19 24.28
C THR A 265 14.88 16.85 23.53
N ASP A 266 14.06 17.88 23.29
CA ASP A 266 12.79 17.74 22.59
C ASP A 266 12.00 16.53 23.04
N ASN A 267 11.84 16.36 24.35
CA ASN A 267 11.08 15.22 24.86
C ASN A 267 9.64 15.26 24.38
N GLN A 268 9.11 16.46 24.19
CA GLN A 268 7.73 16.60 23.75
C GLN A 268 7.58 16.90 22.26
N ILE A 269 8.69 16.87 21.52
CA ILE A 269 8.65 17.18 20.10
C ILE A 269 9.18 16.07 19.21
N LYS A 270 10.11 15.27 19.72
CA LYS A 270 10.68 14.19 18.93
C LYS A 270 10.63 12.86 19.67
N ALA A 271 10.36 11.78 18.93
CA ALA A 271 10.29 10.45 19.51
C ALA A 271 11.69 9.88 19.77
N ARG A 272 11.75 8.57 20.03
CA ARG A 272 13.00 7.89 20.33
C ARG A 272 13.50 8.43 21.66
N LYS A 273 13.27 7.66 22.73
CA LYS A 273 13.69 8.04 24.08
C LYS A 273 13.32 6.91 25.06
N ALA B 1 -4.89 -55.47 -19.79
CA ALA B 1 -5.08 -54.04 -19.41
C ALA B 1 -3.75 -53.30 -19.44
N GLY B 2 -3.42 -52.65 -18.33
CA GLY B 2 -2.17 -51.91 -18.25
C GLY B 2 -1.51 -52.03 -16.89
N ARG B 3 -0.26 -52.49 -16.88
CA ARG B 3 0.50 -52.67 -15.66
C ARG B 3 1.72 -51.75 -15.68
N ARG B 4 2.13 -51.37 -16.89
CA ARG B 4 3.31 -50.52 -17.13
C ARG B 4 3.05 -49.04 -17.41
N ALA B 5 3.60 -48.18 -16.57
CA ALA B 5 3.43 -46.75 -16.71
C ALA B 5 4.75 -45.97 -16.76
N LEU B 6 4.78 -44.94 -17.60
CA LEU B 6 5.95 -44.07 -17.73
C LEU B 6 5.48 -42.66 -17.38
N ILE B 7 6.24 -41.98 -16.52
CA ILE B 7 5.91 -40.62 -16.13
C ILE B 7 7.04 -39.70 -16.60
N VAL B 8 6.74 -38.82 -17.56
CA VAL B 8 7.73 -37.88 -18.05
C VAL B 8 7.48 -36.54 -17.38
N LEU B 9 8.43 -36.11 -16.55
CA LEU B 9 8.34 -34.87 -15.80
C LEU B 9 9.24 -33.78 -16.42
N ALA B 10 8.72 -32.56 -16.54
CA ALA B 10 9.52 -31.46 -17.07
C ALA B 10 9.52 -30.29 -16.11
N HIS B 11 10.29 -30.45 -15.03
CA HIS B 11 10.40 -29.41 -14.00
C HIS B 11 11.69 -29.62 -13.23
N SER B 12 12.43 -28.53 -13.01
CA SER B 12 13.72 -28.60 -12.35
C SER B 12 13.73 -28.62 -10.82
N GLU B 13 12.63 -28.24 -10.18
CA GLU B 13 12.64 -28.20 -8.72
C GLU B 13 11.93 -29.36 -8.02
N ARG B 14 12.61 -29.95 -7.05
CA ARG B 14 12.05 -31.05 -6.28
C ARG B 14 10.96 -30.50 -5.35
N THR B 15 11.00 -29.19 -5.13
CA THR B 15 10.07 -28.51 -4.26
C THR B 15 8.79 -28.05 -4.94
N SER B 16 8.70 -28.27 -6.25
CA SER B 16 7.53 -27.83 -7.01
C SER B 16 6.31 -28.73 -6.85
N PHE B 17 5.15 -28.20 -7.19
CA PHE B 17 3.93 -29.00 -7.10
C PHE B 17 4.03 -30.06 -8.19
N ASN B 18 4.65 -29.71 -9.31
CA ASN B 18 4.81 -30.67 -10.40
C ASN B 18 5.53 -31.94 -9.94
N TYR B 19 6.59 -31.77 -9.16
CA TYR B 19 7.34 -32.91 -8.64
C TYR B 19 6.42 -33.66 -7.67
N ALA B 20 5.65 -32.90 -6.89
CA ALA B 20 4.72 -33.49 -5.94
C ALA B 20 3.70 -34.36 -6.66
N MET B 21 3.23 -33.88 -7.81
CA MET B 21 2.25 -34.59 -8.64
C MET B 21 2.85 -35.88 -9.22
N LYS B 22 4.15 -35.85 -9.49
CA LYS B 22 4.85 -37.00 -10.03
C LYS B 22 4.96 -38.08 -8.96
N GLU B 23 5.38 -37.70 -7.76
CA GLU B 23 5.52 -38.64 -6.67
C GLU B 23 4.15 -39.24 -6.33
N ALA B 24 3.15 -38.38 -6.17
CA ALA B 24 1.80 -38.82 -5.86
C ALA B 24 1.31 -39.87 -6.88
N ALA B 25 1.53 -39.59 -8.16
CA ALA B 25 1.11 -40.50 -9.22
C ALA B 25 1.82 -41.83 -9.14
N ALA B 26 3.13 -41.80 -8.90
CA ALA B 26 3.91 -43.02 -8.79
C ALA B 26 3.47 -43.81 -7.56
N ALA B 27 3.35 -43.15 -6.42
CA ALA B 27 2.94 -43.80 -5.19
C ALA B 27 1.58 -44.47 -5.36
N ALA B 28 0.61 -43.76 -5.95
CA ALA B 28 -0.71 -44.33 -6.17
C ALA B 28 -0.73 -45.48 -7.17
N LEU B 29 0.04 -45.35 -8.25
CA LEU B 29 0.08 -46.38 -9.29
C LEU B 29 0.71 -47.68 -8.82
N LYS B 30 1.80 -47.55 -8.06
CA LYS B 30 2.50 -48.70 -7.54
C LYS B 30 1.55 -49.41 -6.59
N LYS B 31 0.75 -48.63 -5.87
CA LYS B 31 -0.21 -49.20 -4.91
C LYS B 31 -1.25 -50.08 -5.58
N LYS B 32 -1.55 -49.82 -6.85
CA LYS B 32 -2.53 -50.61 -7.56
C LYS B 32 -1.89 -51.69 -8.43
N GLY B 33 -0.63 -51.99 -8.13
CA GLY B 33 0.09 -53.03 -8.86
C GLY B 33 0.81 -52.66 -10.14
N TRP B 34 0.93 -51.36 -10.42
CA TRP B 34 1.62 -50.92 -11.63
C TRP B 34 3.12 -50.89 -11.41
N GLU B 35 3.84 -50.95 -12.52
CA GLU B 35 5.30 -50.88 -12.56
C GLU B 35 5.46 -49.43 -13.03
N VAL B 36 6.20 -48.62 -12.29
CA VAL B 36 6.34 -47.21 -12.67
C VAL B 36 7.76 -46.76 -12.98
N VAL B 37 7.97 -46.33 -14.23
CA VAL B 37 9.25 -45.85 -14.73
C VAL B 37 9.16 -44.33 -14.89
N GLU B 38 10.28 -43.64 -14.72
CA GLU B 38 10.29 -42.19 -14.84
C GLU B 38 11.32 -41.64 -15.81
N SER B 39 11.00 -40.47 -16.37
CA SER B 39 11.88 -39.74 -17.24
C SER B 39 11.82 -38.30 -16.73
N ASP B 40 12.63 -38.01 -15.72
CA ASP B 40 12.71 -36.68 -15.14
C ASP B 40 13.71 -35.96 -16.05
N LEU B 41 13.21 -35.32 -17.09
CA LEU B 41 14.06 -34.65 -18.06
C LEU B 41 15.20 -33.80 -17.49
N TYR B 42 14.90 -32.95 -16.51
CA TYR B 42 15.95 -32.12 -15.93
C TYR B 42 17.00 -32.93 -15.18
N ALA B 43 16.55 -33.91 -14.39
CA ALA B 43 17.47 -34.74 -13.62
C ALA B 43 18.41 -35.52 -14.55
N MET B 44 17.90 -35.85 -15.73
CA MET B 44 18.67 -36.58 -16.71
C MET B 44 19.56 -35.62 -17.47
N ASN B 45 19.28 -34.33 -17.31
CA ASN B 45 20.00 -33.28 -18.04
C ASN B 45 19.86 -33.66 -19.52
N PHE B 46 18.62 -33.97 -19.89
CA PHE B 46 18.28 -34.39 -21.24
C PHE B 46 18.62 -33.38 -22.32
N ASN B 47 19.24 -33.84 -23.41
CA ASN B 47 19.58 -32.99 -24.56
C ASN B 47 18.30 -32.77 -25.38
N PRO B 48 17.78 -31.53 -25.41
CA PRO B 48 16.55 -31.30 -26.17
C PRO B 48 16.68 -30.83 -27.61
N ILE B 49 17.90 -30.76 -28.14
CA ILE B 49 18.14 -30.28 -29.51
C ILE B 49 18.38 -31.33 -30.60
N ILE B 50 17.47 -31.43 -31.58
CA ILE B 50 17.67 -32.39 -32.67
C ILE B 50 18.84 -31.91 -33.53
N SER B 51 19.76 -32.80 -33.82
CA SER B 51 20.92 -32.44 -34.64
C SER B 51 21.48 -33.72 -35.25
N ARG B 52 22.46 -33.57 -36.12
CA ARG B 52 23.07 -34.72 -36.77
C ARG B 52 23.80 -35.62 -35.77
N LYS B 53 23.98 -35.15 -34.54
CA LYS B 53 24.64 -35.93 -33.51
C LYS B 53 23.68 -36.95 -32.89
N ASP B 54 22.43 -36.97 -33.37
CA ASP B 54 21.43 -37.92 -32.91
C ASP B 54 21.62 -39.23 -33.66
N ILE B 55 22.40 -39.16 -34.73
CA ILE B 55 22.70 -40.29 -35.59
C ILE B 55 24.18 -40.62 -35.39
N THR B 56 24.48 -41.88 -35.06
CA THR B 56 25.86 -42.30 -34.84
C THR B 56 26.42 -42.98 -36.10
N GLY B 57 25.54 -43.38 -36.99
CA GLY B 57 25.97 -44.05 -38.20
C GLY B 57 26.37 -43.06 -39.27
N LYS B 58 26.82 -43.57 -40.41
CA LYS B 58 27.21 -42.71 -41.53
C LYS B 58 25.93 -42.29 -42.22
N LEU B 59 25.74 -40.98 -42.34
CA LEU B 59 24.56 -40.44 -43.00
C LEU B 59 24.45 -40.89 -44.46
N LYS B 60 23.24 -40.82 -45.00
CA LYS B 60 22.99 -41.18 -46.37
C LYS B 60 23.31 -39.99 -47.27
N ASP B 61 23.16 -38.80 -46.70
CA ASP B 61 23.42 -37.57 -47.43
C ASP B 61 23.98 -36.53 -46.45
N PRO B 62 25.27 -36.65 -46.11
CA PRO B 62 25.96 -35.75 -45.19
C PRO B 62 26.06 -34.29 -45.60
N ALA B 63 26.22 -34.04 -46.90
CA ALA B 63 26.34 -32.67 -47.40
C ALA B 63 25.00 -31.92 -47.40
N ASN B 64 23.89 -32.64 -47.48
CA ASN B 64 22.57 -32.02 -47.40
C ASN B 64 21.82 -32.78 -46.31
N PHE B 65 22.03 -32.37 -45.06
CA PHE B 65 21.39 -33.03 -43.94
C PHE B 65 19.89 -32.79 -43.84
N GLN B 66 19.14 -33.87 -43.73
CA GLN B 66 17.69 -33.80 -43.60
C GLN B 66 17.31 -34.73 -42.46
N TYR B 67 16.95 -34.13 -41.32
CA TYR B 67 16.62 -34.89 -40.12
C TYR B 67 15.55 -35.97 -40.26
N PRO B 68 14.37 -35.62 -40.81
CA PRO B 68 13.33 -36.65 -40.96
C PRO B 68 13.87 -37.95 -41.53
N ALA B 69 14.42 -37.87 -42.74
CA ALA B 69 14.95 -39.03 -43.44
C ALA B 69 16.12 -39.75 -42.75
N GLU B 70 17.13 -38.99 -42.36
CA GLU B 70 18.31 -39.55 -41.71
C GLU B 70 17.97 -40.21 -40.38
N SER B 71 17.10 -39.57 -39.60
CA SER B 71 16.72 -40.12 -38.31
C SER B 71 15.93 -41.41 -38.50
N VAL B 72 15.03 -41.44 -39.48
CA VAL B 72 14.23 -42.65 -39.73
C VAL B 72 15.17 -43.78 -40.13
N LEU B 73 16.13 -43.46 -40.99
CA LEU B 73 17.13 -44.43 -41.43
C LEU B 73 17.92 -44.94 -40.23
N ALA B 74 18.35 -44.04 -39.36
CA ALA B 74 19.12 -44.42 -38.16
C ALA B 74 18.32 -45.32 -37.24
N TYR B 75 17.02 -45.06 -37.12
CA TYR B 75 16.16 -45.89 -36.28
C TYR B 75 16.12 -47.29 -36.89
N LYS B 76 15.92 -47.35 -38.20
CA LYS B 76 15.83 -48.62 -38.90
C LYS B 76 17.09 -49.46 -38.86
N GLU B 77 18.25 -48.82 -38.78
CA GLU B 77 19.50 -49.54 -38.78
C GLU B 77 20.18 -49.62 -37.42
N GLY B 78 19.56 -48.98 -36.43
CA GLY B 78 20.11 -48.99 -35.09
C GLY B 78 21.28 -48.04 -34.89
N HIS B 79 21.23 -46.87 -35.53
CA HIS B 79 22.30 -45.88 -35.39
C HIS B 79 21.88 -44.63 -34.63
N LEU B 80 20.78 -44.71 -33.88
CA LEU B 80 20.32 -43.55 -33.13
C LEU B 80 21.13 -43.35 -31.87
N SER B 81 21.29 -42.09 -31.49
CA SER B 81 22.00 -41.73 -30.29
C SER B 81 21.51 -42.64 -29.16
N PRO B 82 22.43 -43.17 -28.34
CA PRO B 82 21.97 -44.04 -27.25
C PRO B 82 21.02 -43.43 -26.22
N ASP B 83 21.02 -42.11 -26.05
CA ASP B 83 20.11 -41.52 -25.07
C ASP B 83 18.68 -41.53 -25.58
N ILE B 84 18.55 -41.45 -26.91
CA ILE B 84 17.25 -41.46 -27.55
C ILE B 84 16.73 -42.89 -27.49
N VAL B 85 17.61 -43.84 -27.76
CA VAL B 85 17.26 -45.24 -27.71
C VAL B 85 16.76 -45.66 -26.31
N ALA B 86 17.39 -45.11 -25.27
CA ALA B 86 16.99 -45.42 -23.90
C ALA B 86 15.57 -44.95 -23.63
N GLU B 87 15.21 -43.79 -24.17
CA GLU B 87 13.85 -43.25 -23.97
C GLU B 87 12.83 -44.04 -24.77
N GLN B 88 13.20 -44.45 -25.99
CA GLN B 88 12.33 -45.23 -26.84
C GLN B 88 12.03 -46.59 -26.20
N LYS B 89 12.98 -47.12 -25.46
CA LYS B 89 12.77 -48.40 -24.80
C LYS B 89 11.76 -48.24 -23.68
N LYS B 90 11.78 -47.09 -23.00
CA LYS B 90 10.82 -46.85 -21.92
C LYS B 90 9.43 -46.72 -22.51
N LEU B 91 9.32 -46.06 -23.66
CA LEU B 91 8.03 -45.87 -24.34
C LEU B 91 7.42 -47.18 -24.80
N GLU B 92 8.25 -48.05 -25.36
CA GLU B 92 7.76 -49.33 -25.84
C GLU B 92 7.26 -50.22 -24.70
N ALA B 93 7.86 -50.09 -23.53
CA ALA B 93 7.43 -50.91 -22.41
C ALA B 93 6.15 -50.38 -21.77
N ALA B 94 5.97 -49.07 -21.79
CA ALA B 94 4.82 -48.43 -21.17
C ALA B 94 3.44 -48.66 -21.78
N ASP B 95 2.44 -48.78 -20.91
CA ASP B 95 1.05 -48.95 -21.32
C ASP B 95 0.40 -47.58 -21.19
N LEU B 96 0.78 -46.88 -20.12
CA LEU B 96 0.28 -45.55 -19.81
C LEU B 96 1.43 -44.55 -19.69
N VAL B 97 1.35 -43.45 -20.44
CA VAL B 97 2.37 -42.43 -20.36
C VAL B 97 1.78 -41.13 -19.85
N ILE B 98 2.34 -40.66 -18.74
CA ILE B 98 1.90 -39.45 -18.08
C ILE B 98 2.91 -38.34 -18.29
N PHE B 99 2.42 -37.19 -18.75
CA PHE B 99 3.24 -36.03 -19.00
C PHE B 99 2.89 -34.99 -17.94
N GLN B 100 3.82 -34.80 -17.00
CA GLN B 100 3.63 -33.85 -15.90
C GLN B 100 4.48 -32.61 -16.18
N PHE B 101 3.83 -31.49 -16.39
CA PHE B 101 4.57 -30.28 -16.66
C PHE B 101 3.77 -29.02 -16.40
N PRO B 102 4.49 -27.92 -16.13
CA PRO B 102 3.84 -26.63 -15.90
C PRO B 102 3.67 -26.05 -17.30
N LEU B 103 2.52 -25.42 -17.56
CA LEU B 103 2.27 -24.81 -18.86
C LEU B 103 3.25 -23.65 -19.02
N GLN B 104 3.93 -23.59 -20.15
CA GLN B 104 4.86 -22.49 -20.37
C GLN B 104 4.60 -21.92 -21.75
N TRP B 105 4.25 -20.63 -21.77
CA TRP B 105 3.91 -19.97 -23.02
C TRP B 105 2.94 -20.83 -23.81
N PHE B 106 1.83 -21.15 -23.14
CA PHE B 106 0.75 -21.94 -23.71
C PHE B 106 1.15 -23.26 -24.38
N GLY B 107 2.19 -23.90 -23.86
CA GLY B 107 2.62 -25.17 -24.43
C GLY B 107 3.50 -25.92 -23.46
N VAL B 108 4.10 -27.01 -23.93
CA VAL B 108 4.97 -27.82 -23.11
C VAL B 108 6.31 -27.10 -22.99
N PRO B 109 7.06 -27.36 -21.91
CA PRO B 109 8.36 -26.70 -21.75
C PRO B 109 9.29 -27.11 -22.90
N ALA B 110 10.23 -26.25 -23.28
CA ALA B 110 11.17 -26.55 -24.36
C ALA B 110 11.86 -27.91 -24.19
N ILE B 111 12.23 -28.24 -22.94
CA ILE B 111 12.93 -29.51 -22.69
C ILE B 111 12.07 -30.72 -23.02
N LEU B 112 10.75 -30.55 -22.85
CA LEU B 112 9.78 -31.60 -23.15
C LEU B 112 9.51 -31.60 -24.66
N LYS B 113 9.45 -30.42 -25.27
CA LYS B 113 9.23 -30.33 -26.71
C LYS B 113 10.40 -31.03 -27.40
N GLY B 114 11.63 -30.76 -26.93
CA GLY B 114 12.81 -31.38 -27.51
C GLY B 114 12.79 -32.90 -27.34
N TRP B 115 12.16 -33.36 -26.26
CA TRP B 115 12.05 -34.80 -25.98
C TRP B 115 11.19 -35.44 -27.06
N PHE B 116 10.07 -34.81 -27.40
CA PHE B 116 9.19 -35.32 -28.46
C PHE B 116 9.93 -35.33 -29.82
N GLU B 117 10.61 -34.23 -30.12
CA GLU B 117 11.35 -34.09 -31.36
C GLU B 117 12.48 -35.12 -31.58
N ARG B 118 13.24 -35.42 -30.53
CA ARG B 118 14.34 -36.39 -30.64
C ARG B 118 13.90 -37.84 -30.44
N VAL B 119 12.86 -38.05 -29.64
CA VAL B 119 12.39 -39.41 -29.34
C VAL B 119 11.28 -39.97 -30.24
N PHE B 120 10.34 -39.13 -30.66
CA PHE B 120 9.25 -39.58 -31.53
C PHE B 120 9.74 -39.55 -32.96
N ILE B 121 10.65 -40.47 -33.28
CA ILE B 121 11.22 -40.59 -34.62
C ILE B 121 10.25 -41.34 -35.53
N GLY B 122 10.30 -41.02 -36.82
CA GLY B 122 9.44 -41.70 -37.75
C GLY B 122 9.65 -43.20 -37.69
N GLU B 123 8.62 -43.95 -38.08
CA GLU B 123 8.67 -45.40 -38.09
C GLU B 123 8.47 -45.94 -36.68
N PHE B 124 9.18 -45.33 -35.73
CA PHE B 124 9.07 -45.73 -34.32
C PHE B 124 7.76 -45.23 -33.69
N ALA B 125 7.54 -43.92 -33.75
CA ALA B 125 6.34 -43.30 -33.17
C ALA B 125 5.23 -43.03 -34.19
N TYR B 126 5.55 -43.10 -35.48
CA TYR B 126 4.54 -42.85 -36.50
C TYR B 126 4.97 -43.24 -37.91
N THR B 127 3.98 -43.29 -38.81
CA THR B 127 4.19 -43.60 -40.23
C THR B 127 3.05 -42.92 -40.96
N TYR B 128 3.38 -42.27 -42.08
CA TYR B 128 2.37 -41.56 -42.86
C TYR B 128 1.29 -42.51 -43.35
N ALA B 129 1.66 -43.76 -43.62
CA ALA B 129 0.72 -44.78 -44.09
C ALA B 129 -0.27 -45.19 -43.01
N ALA B 130 0.08 -44.97 -41.75
CA ALA B 130 -0.79 -45.34 -40.64
C ALA B 130 -0.80 -44.26 -39.58
N MET B 131 -1.26 -43.07 -39.96
CA MET B 131 -1.34 -41.94 -39.05
C MET B 131 -2.47 -42.10 -38.04
N TYR B 132 -2.47 -41.20 -37.06
CA TYR B 132 -3.50 -41.15 -36.02
C TYR B 132 -3.95 -42.47 -35.41
N ASP B 133 -5.26 -42.75 -35.39
CA ASP B 133 -5.73 -43.99 -34.75
C ASP B 133 -5.05 -45.29 -35.19
N LYS B 134 -4.39 -45.27 -36.34
CA LYS B 134 -3.69 -46.44 -36.85
C LYS B 134 -2.22 -46.46 -36.44
N GLY B 135 -1.79 -45.43 -35.71
CA GLY B 135 -0.40 -45.33 -35.29
C GLY B 135 0.17 -46.42 -34.40
N PRO B 136 1.50 -46.40 -34.18
CA PRO B 136 2.29 -47.32 -33.37
C PRO B 136 1.89 -47.46 -31.90
N PHE B 137 1.41 -46.37 -31.32
CA PHE B 137 1.05 -46.38 -29.92
C PHE B 137 -0.43 -46.52 -29.65
N ARG B 138 -1.17 -47.09 -30.61
CA ARG B 138 -2.62 -47.26 -30.49
C ARG B 138 -3.04 -48.21 -29.36
N SER B 139 -2.11 -49.02 -28.86
CA SER B 139 -2.40 -49.91 -27.74
C SER B 139 -2.05 -49.24 -26.42
N LYS B 140 -1.60 -47.99 -26.51
CA LYS B 140 -1.22 -47.22 -25.34
C LYS B 140 -2.16 -46.06 -25.10
N LYS B 141 -2.05 -45.46 -23.92
CA LYS B 141 -2.86 -44.31 -23.53
C LYS B 141 -1.95 -43.23 -22.95
N ALA B 142 -2.25 -41.97 -23.25
CA ALA B 142 -1.45 -40.87 -22.75
C ALA B 142 -2.35 -39.85 -22.07
N VAL B 143 -1.79 -39.19 -21.06
CA VAL B 143 -2.51 -38.17 -20.31
C VAL B 143 -1.60 -37.00 -20.00
N LEU B 144 -2.12 -35.79 -20.11
CA LEU B 144 -1.34 -34.62 -19.77
C LEU B 144 -1.82 -34.13 -18.41
N SER B 145 -0.90 -33.93 -17.48
CA SER B 145 -1.25 -33.38 -16.17
C SER B 145 -0.53 -32.05 -16.16
N ILE B 146 -1.28 -30.96 -16.32
CA ILE B 146 -0.70 -29.62 -16.38
C ILE B 146 -1.06 -28.72 -15.21
N THR B 147 -0.14 -27.82 -14.84
CA THR B 147 -0.37 -26.85 -13.78
C THR B 147 -0.14 -25.51 -14.47
N THR B 148 -0.93 -24.50 -14.13
CA THR B 148 -0.78 -23.20 -14.76
C THR B 148 -0.66 -22.10 -13.73
N GLY B 149 -0.21 -20.93 -14.17
CA GLY B 149 -0.12 -19.79 -13.28
C GLY B 149 -1.48 -19.09 -13.25
N GLY B 150 -2.10 -19.00 -14.43
CA GLY B 150 -3.40 -18.36 -14.57
C GLY B 150 -4.60 -19.16 -14.10
N SER B 151 -5.65 -18.45 -13.72
CA SER B 151 -6.87 -19.07 -13.22
C SER B 151 -7.65 -19.78 -14.30
N GLY B 152 -8.58 -20.64 -13.88
CA GLY B 152 -9.39 -21.37 -14.84
C GLY B 152 -10.22 -20.44 -15.72
N SER B 153 -10.79 -19.42 -15.10
CA SER B 153 -11.62 -18.45 -15.83
C SER B 153 -10.88 -17.74 -16.98
N MET B 154 -9.58 -17.52 -16.82
CA MET B 154 -8.78 -16.88 -17.87
C MET B 154 -8.76 -17.76 -19.12
N TYR B 155 -8.99 -19.06 -18.92
CA TYR B 155 -8.98 -20.05 -20.00
C TYR B 155 -10.37 -20.57 -20.40
N SER B 156 -11.42 -19.94 -19.88
CA SER B 156 -12.79 -20.32 -20.20
C SER B 156 -13.09 -19.73 -21.56
N LEU B 157 -14.27 -20.01 -22.11
CA LEU B 157 -14.61 -19.48 -23.43
C LEU B 157 -14.51 -17.95 -23.52
N GLN B 158 -14.79 -17.27 -22.41
CA GLN B 158 -14.74 -15.82 -22.37
C GLN B 158 -13.58 -15.24 -21.55
N GLY B 159 -12.58 -16.06 -21.22
CA GLY B 159 -11.43 -15.56 -20.47
C GLY B 159 -10.47 -14.90 -21.43
N ILE B 160 -9.65 -13.96 -20.97
CA ILE B 160 -8.71 -13.30 -21.88
C ILE B 160 -7.82 -14.23 -22.66
N HIS B 161 -7.39 -15.33 -22.04
CA HIS B 161 -6.50 -16.26 -22.73
C HIS B 161 -7.17 -17.05 -23.84
N GLY B 162 -8.48 -17.19 -23.76
CA GLY B 162 -9.16 -17.95 -24.78
C GLY B 162 -9.35 -19.37 -24.28
N ASP B 163 -10.08 -20.15 -25.05
CA ASP B 163 -10.40 -21.52 -24.69
C ASP B 163 -9.19 -22.45 -24.55
N MET B 164 -9.09 -23.08 -23.38
CA MET B 164 -7.99 -24.00 -23.11
C MET B 164 -8.00 -25.17 -24.09
N ASN B 165 -9.18 -25.52 -24.59
CA ASN B 165 -9.32 -26.61 -25.54
C ASN B 165 -8.47 -26.37 -26.79
N VAL B 166 -8.39 -25.12 -27.24
CA VAL B 166 -7.60 -24.77 -28.42
C VAL B 166 -6.10 -24.96 -28.15
N ILE B 167 -5.66 -24.54 -26.96
CA ILE B 167 -4.26 -24.66 -26.55
C ILE B 167 -3.83 -26.13 -26.47
N LEU B 168 -4.73 -26.97 -25.98
CA LEU B 168 -4.47 -28.41 -25.83
C LEU B 168 -4.41 -29.17 -27.16
N TRP B 169 -5.23 -28.74 -28.12
CA TRP B 169 -5.32 -29.40 -29.42
C TRP B 169 -3.99 -29.79 -30.09
N PRO B 170 -3.13 -28.81 -30.41
CA PRO B 170 -1.86 -29.13 -31.06
C PRO B 170 -0.98 -30.17 -30.37
N ILE B 171 -1.10 -30.29 -29.04
CA ILE B 171 -0.31 -31.27 -28.32
C ILE B 171 -1.01 -32.63 -28.30
N GLN B 172 -2.26 -32.66 -27.84
CA GLN B 172 -3.04 -33.90 -27.76
C GLN B 172 -3.41 -34.54 -29.10
N SER B 173 -3.76 -33.73 -30.10
CA SER B 173 -4.07 -34.30 -31.41
C SER B 173 -2.80 -34.47 -32.25
N GLY B 174 -2.05 -33.38 -32.42
CA GLY B 174 -0.86 -33.38 -33.24
C GLY B 174 0.32 -34.27 -32.83
N ILE B 175 0.62 -34.30 -31.53
CA ILE B 175 1.74 -35.10 -31.06
C ILE B 175 1.27 -36.48 -30.59
N LEU B 176 0.41 -36.51 -29.58
CA LEU B 176 -0.09 -37.74 -29.01
C LEU B 176 -0.96 -38.66 -29.87
N HIS B 177 -2.09 -38.15 -30.33
CA HIS B 177 -2.98 -38.95 -31.14
C HIS B 177 -2.39 -39.27 -32.51
N PHE B 178 -1.58 -38.37 -33.04
CA PHE B 178 -0.97 -38.59 -34.35
C PHE B 178 -0.16 -39.90 -34.35
N CYS B 179 0.44 -40.21 -33.20
CA CYS B 179 1.25 -41.42 -33.06
C CYS B 179 0.41 -42.61 -32.61
N GLY B 180 -0.91 -42.49 -32.65
CA GLY B 180 -1.77 -43.59 -32.27
C GLY B 180 -2.31 -43.60 -30.85
N PHE B 181 -1.71 -42.84 -29.95
CA PHE B 181 -2.14 -42.76 -28.55
C PHE B 181 -3.61 -42.46 -28.34
N GLN B 182 -4.18 -43.16 -27.36
CA GLN B 182 -5.55 -42.90 -26.97
C GLN B 182 -5.25 -41.82 -25.92
N VAL B 183 -5.84 -40.64 -26.07
CA VAL B 183 -5.57 -39.55 -25.13
C VAL B 183 -6.68 -39.39 -24.12
N LEU B 184 -6.35 -39.51 -22.83
CA LEU B 184 -7.35 -39.37 -21.77
C LEU B 184 -7.52 -37.91 -21.37
N GLU B 185 -8.64 -37.61 -20.71
CA GLU B 185 -8.90 -36.25 -20.28
C GLU B 185 -7.67 -35.73 -19.53
N PRO B 186 -7.28 -34.47 -19.80
CA PRO B 186 -6.11 -33.90 -19.12
C PRO B 186 -6.43 -33.50 -17.68
N GLN B 187 -5.46 -33.74 -16.79
CA GLN B 187 -5.60 -33.34 -15.40
C GLN B 187 -5.14 -31.89 -15.41
N LEU B 188 -6.07 -30.97 -15.22
CA LEU B 188 -5.76 -29.55 -15.26
C LEU B 188 -5.79 -28.88 -13.90
N THR B 189 -4.64 -28.42 -13.44
CA THR B 189 -4.59 -27.74 -12.16
C THR B 189 -4.20 -26.28 -12.38
N TYR B 190 -5.22 -25.42 -12.35
CA TYR B 190 -5.07 -23.98 -12.56
C TYR B 190 -4.57 -23.19 -11.34
N SER B 191 -3.99 -22.02 -11.62
CA SER B 191 -3.45 -21.13 -10.61
C SER B 191 -2.91 -21.84 -9.37
N ILE B 192 -2.03 -22.82 -9.59
CA ILE B 192 -1.47 -23.57 -8.48
C ILE B 192 -0.77 -22.65 -7.50
N GLY B 193 -0.26 -21.52 -7.99
CA GLY B 193 0.42 -20.59 -7.13
C GLY B 193 -0.55 -19.88 -6.20
N HIS B 194 -1.82 -19.81 -6.58
CA HIS B 194 -2.85 -19.15 -5.80
C HIS B 194 -3.81 -20.11 -5.12
N THR B 195 -3.31 -21.29 -4.75
CA THR B 195 -4.15 -22.29 -4.10
C THR B 195 -3.70 -22.61 -2.68
N PRO B 196 -4.61 -22.43 -1.70
CA PRO B 196 -4.37 -22.67 -0.27
C PRO B 196 -3.78 -24.05 0.01
N ALA B 197 -2.93 -24.12 1.04
CA ALA B 197 -2.27 -25.36 1.44
C ALA B 197 -3.20 -26.56 1.54
N ASP B 198 -4.34 -26.37 2.19
CA ASP B 198 -5.26 -27.49 2.34
C ASP B 198 -5.83 -27.93 1.00
N ALA B 199 -5.98 -26.99 0.07
CA ALA B 199 -6.51 -27.31 -1.26
C ALA B 199 -5.47 -28.08 -2.09
N ARG B 200 -4.21 -27.67 -2.00
CA ARG B 200 -3.16 -28.36 -2.74
C ARG B 200 -3.12 -29.82 -2.31
N ILE B 201 -3.26 -30.07 -1.01
CA ILE B 201 -3.25 -31.43 -0.47
C ILE B 201 -4.39 -32.22 -1.09
N GLN B 202 -5.54 -31.58 -1.27
CA GLN B 202 -6.70 -32.24 -1.86
C GLN B 202 -6.52 -32.48 -3.35
N ILE B 203 -5.76 -31.61 -4.01
CA ILE B 203 -5.50 -31.77 -5.44
C ILE B 203 -4.67 -33.04 -5.65
N LEU B 204 -3.71 -33.27 -4.77
CA LEU B 204 -2.86 -34.46 -4.85
C LEU B 204 -3.70 -35.71 -4.58
N GLU B 205 -4.52 -35.69 -3.54
CA GLU B 205 -5.34 -36.85 -3.24
C GLU B 205 -6.27 -37.16 -4.40
N GLY B 206 -6.84 -36.10 -4.99
CA GLY B 206 -7.73 -36.27 -6.12
C GLY B 206 -7.07 -36.90 -7.34
N TRP B 207 -5.79 -36.61 -7.54
CA TRP B 207 -5.02 -37.15 -8.65
C TRP B 207 -4.73 -38.64 -8.40
N LYS B 208 -4.41 -38.98 -7.15
CA LYS B 208 -4.14 -40.37 -6.78
C LYS B 208 -5.43 -41.18 -6.97
N LYS B 209 -6.54 -40.59 -6.56
CA LYS B 209 -7.84 -41.24 -6.68
C LYS B 209 -8.19 -41.52 -8.13
N ARG B 210 -7.94 -40.56 -9.01
CA ARG B 210 -8.24 -40.75 -10.42
C ARG B 210 -7.44 -41.87 -11.06
N LEU B 211 -6.17 -41.95 -10.70
CA LEU B 211 -5.25 -42.95 -11.22
C LEU B 211 -5.63 -44.38 -10.82
N GLU B 212 -6.42 -44.51 -9.76
CA GLU B 212 -6.85 -45.84 -9.29
C GLU B 212 -7.65 -46.59 -10.35
N ASN B 213 -8.24 -45.85 -11.29
CA ASN B 213 -9.05 -46.45 -12.36
C ASN B 213 -8.81 -45.76 -13.69
N ILE B 214 -7.66 -45.11 -13.83
CA ILE B 214 -7.33 -44.39 -15.04
C ILE B 214 -7.44 -45.23 -16.32
N TRP B 215 -7.02 -46.49 -16.26
CA TRP B 215 -7.04 -47.33 -17.43
C TRP B 215 -8.43 -47.65 -17.98
N ASP B 216 -9.46 -47.52 -17.16
CA ASP B 216 -10.82 -47.81 -17.63
C ASP B 216 -11.62 -46.60 -18.14
N GLU B 217 -10.98 -45.44 -18.18
CA GLU B 217 -11.61 -44.21 -18.65
C GLU B 217 -11.86 -44.14 -20.16
N THR B 218 -12.89 -43.40 -20.52
CA THR B 218 -13.24 -43.18 -21.91
C THR B 218 -12.28 -42.09 -22.36
N PRO B 219 -11.60 -42.28 -23.49
CA PRO B 219 -10.66 -41.23 -23.91
C PRO B 219 -11.36 -40.10 -24.66
N LEU B 220 -10.62 -39.03 -24.90
CA LEU B 220 -11.15 -37.87 -25.62
C LEU B 220 -11.50 -38.29 -27.05
N TYR B 221 -12.33 -37.51 -27.71
CA TYR B 221 -12.77 -37.79 -29.07
C TYR B 221 -11.98 -37.05 -30.14
N PHE B 222 -11.54 -37.79 -31.15
CA PHE B 222 -10.81 -37.27 -32.30
C PHE B 222 -11.54 -37.94 -33.46
N ALA B 223 -11.71 -37.24 -34.58
CA ALA B 223 -12.38 -37.85 -35.71
C ALA B 223 -11.54 -39.03 -36.17
N PRO B 224 -12.18 -40.17 -36.47
CA PRO B 224 -11.44 -41.36 -36.93
C PRO B 224 -10.84 -41.09 -38.31
N SER B 225 -9.66 -41.64 -38.57
CA SER B 225 -9.02 -41.45 -39.86
C SER B 225 -9.85 -42.06 -41.00
N SER B 226 -10.82 -42.91 -40.63
CA SER B 226 -11.68 -43.56 -41.61
C SER B 226 -12.61 -42.57 -42.30
N LEU B 227 -12.77 -41.38 -41.73
CA LEU B 227 -13.64 -40.38 -42.33
C LEU B 227 -12.90 -39.64 -43.43
N PHE B 228 -11.59 -39.93 -43.56
CA PHE B 228 -10.74 -39.28 -44.55
C PHE B 228 -10.17 -40.22 -45.62
N ASP B 229 -9.96 -39.68 -46.81
CA ASP B 229 -9.37 -40.45 -47.91
C ASP B 229 -7.89 -40.25 -47.71
N LEU B 230 -7.28 -41.19 -47.01
CA LEU B 230 -5.87 -41.14 -46.66
C LEU B 230 -4.85 -41.39 -47.76
N ASN B 231 -4.81 -40.50 -48.75
CA ASN B 231 -3.85 -40.64 -49.84
C ASN B 231 -3.48 -39.28 -50.43
N PHE B 232 -2.21 -39.14 -50.80
CA PHE B 232 -1.71 -37.88 -51.36
C PHE B 232 -2.55 -37.42 -52.56
N GLN B 233 -3.38 -38.33 -53.08
CA GLN B 233 -4.23 -38.04 -54.21
C GLN B 233 -5.51 -37.29 -53.85
N ALA B 234 -6.10 -37.60 -52.70
CA ALA B 234 -7.32 -36.94 -52.28
C ALA B 234 -7.03 -35.76 -51.37
N GLY B 235 -5.75 -35.43 -51.22
CA GLY B 235 -5.36 -34.32 -50.37
C GLY B 235 -5.69 -34.59 -48.91
N PHE B 236 -5.69 -35.87 -48.54
CA PHE B 236 -6.02 -36.29 -47.18
C PHE B 236 -7.20 -35.50 -46.66
N LEU B 237 -8.22 -35.38 -47.51
CA LEU B 237 -9.42 -34.64 -47.17
C LEU B 237 -10.53 -35.57 -46.72
N MET B 238 -11.46 -35.01 -45.95
CA MET B 238 -12.59 -35.76 -45.43
C MET B 238 -13.36 -36.35 -46.61
N LYS B 239 -13.84 -37.58 -46.47
CA LYS B 239 -14.58 -38.24 -47.53
C LYS B 239 -15.82 -37.46 -47.91
N LYS B 240 -16.02 -37.28 -49.22
CA LYS B 240 -17.16 -36.54 -49.73
C LYS B 240 -18.49 -37.02 -49.12
N GLU B 241 -18.60 -38.31 -48.86
CA GLU B 241 -19.84 -38.83 -48.27
C GLU B 241 -19.99 -38.29 -46.85
N VAL B 242 -18.88 -38.31 -46.12
CA VAL B 242 -18.85 -37.80 -44.74
C VAL B 242 -19.13 -36.30 -44.71
N GLN B 243 -18.57 -35.59 -45.68
CA GLN B 243 -18.75 -34.14 -45.78
C GLN B 243 -20.23 -33.81 -46.00
N ASP B 244 -20.94 -34.72 -46.66
CA ASP B 244 -22.36 -34.49 -46.93
C ASP B 244 -23.27 -34.75 -45.74
N GLU B 245 -22.88 -35.67 -44.85
CA GLU B 245 -23.69 -35.97 -43.68
C GLU B 245 -23.51 -34.90 -42.60
N GLU B 246 -22.48 -34.09 -42.73
CA GLU B 246 -22.16 -33.05 -41.76
C GLU B 246 -22.73 -31.68 -42.09
N LYS B 247 -22.95 -31.40 -43.37
CA LYS B 247 -23.50 -30.11 -43.78
C LYS B 247 -24.79 -29.74 -43.05
N ASN B 248 -25.47 -30.76 -42.53
CA ASN B 248 -26.74 -30.61 -41.80
C ASN B 248 -26.52 -30.47 -40.29
N LYS B 249 -25.38 -30.99 -39.84
CA LYS B 249 -25.02 -30.96 -38.43
C LYS B 249 -24.66 -29.55 -37.95
N LYS B 250 -25.03 -29.29 -36.70
CA LYS B 250 -24.81 -28.02 -36.01
C LYS B 250 -23.36 -27.84 -35.58
N PHE B 251 -22.85 -28.79 -34.80
CA PHE B 251 -21.50 -28.78 -34.27
C PHE B 251 -20.48 -29.43 -35.20
N GLY B 252 -19.22 -28.95 -35.11
CA GLY B 252 -18.15 -29.54 -35.88
C GLY B 252 -17.84 -30.87 -35.23
N LEU B 253 -16.76 -31.53 -35.63
CA LEU B 253 -16.39 -32.83 -35.07
C LEU B 253 -15.45 -32.72 -33.85
N SER B 254 -14.52 -31.77 -33.90
CA SER B 254 -13.55 -31.56 -32.83
C SER B 254 -13.00 -30.15 -32.97
N VAL B 255 -12.02 -29.82 -32.13
CA VAL B 255 -11.41 -28.50 -32.17
C VAL B 255 -10.74 -28.25 -33.53
N GLY B 256 -9.95 -29.21 -34.00
CA GLY B 256 -9.27 -29.04 -35.26
C GLY B 256 -10.21 -29.22 -36.44
N HIS B 257 -11.18 -30.12 -36.27
CA HIS B 257 -12.16 -30.37 -37.31
C HIS B 257 -13.48 -29.74 -36.92
N HIS B 258 -13.42 -28.43 -36.65
CA HIS B 258 -14.61 -27.67 -36.26
C HIS B 258 -15.45 -27.40 -37.53
N LEU B 259 -14.80 -27.55 -38.69
CA LEU B 259 -15.46 -27.39 -39.99
C LEU B 259 -16.12 -26.04 -40.26
N GLY B 260 -15.74 -25.02 -39.52
CA GLY B 260 -16.33 -23.71 -39.74
C GLY B 260 -17.59 -23.54 -38.91
N LYS B 261 -17.88 -24.53 -38.09
CA LYS B 261 -19.06 -24.50 -37.24
C LYS B 261 -18.69 -24.44 -35.76
N SER B 262 -19.61 -24.84 -34.89
CA SER B 262 -19.38 -24.81 -33.45
C SER B 262 -18.53 -25.99 -32.99
N ILE B 263 -17.60 -25.73 -32.08
CA ILE B 263 -16.74 -26.78 -31.56
C ILE B 263 -17.49 -27.46 -30.42
N PRO B 264 -17.49 -28.80 -30.39
CA PRO B 264 -18.17 -29.53 -29.32
C PRO B 264 -17.57 -29.12 -27.99
N THR B 265 -18.42 -28.69 -27.06
CA THR B 265 -17.97 -28.24 -25.75
C THR B 265 -16.89 -29.14 -25.15
N ASP B 266 -15.82 -28.52 -24.64
CA ASP B 266 -14.69 -29.22 -24.01
C ASP B 266 -14.26 -30.48 -24.76
N ASN B 267 -14.15 -30.38 -26.08
CA ASN B 267 -13.75 -31.53 -26.88
C ASN B 267 -12.39 -32.10 -26.47
N GLN B 268 -11.51 -31.23 -25.98
CA GLN B 268 -10.17 -31.63 -25.57
C GLN B 268 -9.95 -31.71 -24.07
N ILE B 269 -11.03 -31.67 -23.30
CA ILE B 269 -10.93 -31.71 -21.84
C ILE B 269 -11.81 -32.78 -21.21
N LYS B 270 -12.92 -33.09 -21.87
CA LYS B 270 -13.86 -34.09 -21.38
C LYS B 270 -14.21 -35.09 -22.47
N ALA B 271 -14.32 -36.35 -22.07
CA ALA B 271 -14.65 -37.45 -22.97
C ALA B 271 -16.14 -37.54 -23.24
N ARG B 272 -16.50 -38.49 -24.09
CA ARG B 272 -17.88 -38.74 -24.50
C ARG B 272 -18.24 -37.77 -25.60
N LYS B 273 -18.26 -38.27 -26.85
CA LYS B 273 -18.53 -37.43 -28.01
C LYS B 273 -18.62 -38.30 -29.28
N ALA C 1 1.36 52.14 46.51
CA ALA C 1 1.14 50.66 46.48
C ALA C 1 -0.05 50.30 45.59
N GLY C 2 -1.03 49.61 46.17
CA GLY C 2 -2.21 49.21 45.42
C GLY C 2 -3.50 49.35 46.20
N ARG C 3 -4.43 50.12 45.66
CA ARG C 3 -5.71 50.33 46.31
C ARG C 3 -6.87 49.61 45.60
N ARG C 4 -6.68 49.34 44.31
CA ARG C 4 -7.71 48.69 43.50
C ARG C 4 -7.38 47.23 43.18
N ALA C 5 -8.35 46.36 43.41
CA ALA C 5 -8.15 44.95 43.13
C ALA C 5 -9.28 44.40 42.26
N LEU C 6 -8.93 43.49 41.37
CA LEU C 6 -9.89 42.84 40.50
C LEU C 6 -9.78 41.34 40.74
N ILE C 7 -10.88 40.72 41.11
CA ILE C 7 -10.88 39.28 41.34
C ILE C 7 -11.69 38.62 40.22
N VAL C 8 -11.01 37.89 39.36
CA VAL C 8 -11.65 37.17 38.24
C VAL C 8 -11.93 35.76 38.75
N LEU C 9 -13.19 35.35 38.78
CA LEU C 9 -13.55 34.02 39.25
C LEU C 9 -14.14 33.14 38.14
N ALA C 10 -13.71 31.89 38.05
CA ALA C 10 -14.21 30.97 37.02
C ALA C 10 -14.75 29.68 37.61
N HIS C 11 -15.94 29.77 38.19
CA HIS C 11 -16.59 28.61 38.78
C HIS C 11 -18.09 28.86 38.76
N SER C 12 -18.82 27.89 38.24
CA SER C 12 -20.26 27.99 38.09
C SER C 12 -21.08 27.88 39.36
N GLU C 13 -20.50 27.28 40.40
CA GLU C 13 -21.26 27.08 41.64
C GLU C 13 -20.97 28.06 42.77
N ARG C 14 -22.03 28.67 43.25
CA ARG C 14 -21.96 29.64 44.34
C ARG C 14 -21.69 28.88 45.65
N THR C 15 -21.77 27.56 45.60
CA THR C 15 -21.54 26.73 46.78
C THR C 15 -20.13 26.13 46.84
N SER C 16 -19.32 26.36 45.81
CA SER C 16 -17.96 25.83 45.73
C SER C 16 -16.97 26.51 46.67
N PHE C 17 -15.81 25.86 46.85
CA PHE C 17 -14.76 26.42 47.70
C PHE C 17 -14.17 27.64 46.99
N ASN C 18 -14.12 27.56 45.65
CA ASN C 18 -13.60 28.64 44.84
C ASN C 18 -14.38 29.91 45.10
N TYR C 19 -15.69 29.79 45.19
CA TYR C 19 -16.52 30.95 45.46
C TYR C 19 -16.17 31.43 46.87
N ALA C 20 -16.11 30.50 47.82
CA ALA C 20 -15.75 30.88 49.18
C ALA C 20 -14.45 31.67 49.14
N MET C 21 -13.43 31.11 48.47
CA MET C 21 -12.13 31.75 48.33
C MET C 21 -12.24 33.17 47.77
N LYS C 22 -13.17 33.37 46.84
CA LYS C 22 -13.37 34.69 46.24
C LYS C 22 -13.97 35.64 47.27
N GLU C 23 -14.90 35.12 48.07
CA GLU C 23 -15.54 35.94 49.10
C GLU C 23 -14.49 36.32 50.16
N ALA C 24 -13.69 35.35 50.56
CA ALA C 24 -12.65 35.57 51.55
C ALA C 24 -11.75 36.70 51.08
N ALA C 25 -11.25 36.57 49.85
CA ALA C 25 -10.37 37.59 49.28
C ALA C 25 -11.00 38.97 49.25
N ALA C 26 -12.26 39.04 48.80
CA ALA C 26 -12.97 40.31 48.76
C ALA C 26 -13.06 40.95 50.14
N ALA C 27 -13.48 40.17 51.13
CA ALA C 27 -13.62 40.64 52.51
C ALA C 27 -12.28 41.08 53.12
N ALA C 28 -11.25 40.28 52.90
CA ALA C 28 -9.92 40.58 53.41
C ALA C 28 -9.33 41.86 52.83
N LEU C 29 -9.35 41.99 51.50
CA LEU C 29 -8.82 43.19 50.85
C LEU C 29 -9.61 44.43 51.21
N LYS C 30 -10.93 44.32 51.27
CA LYS C 30 -11.76 45.47 51.63
C LYS C 30 -11.42 45.91 53.05
N LYS C 31 -11.22 44.93 53.94
CA LYS C 31 -10.91 45.21 55.33
C LYS C 31 -9.60 45.97 55.51
N LYS C 32 -8.75 45.96 54.49
CA LYS C 32 -7.48 46.67 54.57
C LYS C 32 -7.55 47.90 53.69
N GLY C 33 -8.77 48.34 53.41
CA GLY C 33 -8.94 49.54 52.59
C GLY C 33 -8.76 49.45 51.09
N TRP C 34 -8.87 48.25 50.51
CA TRP C 34 -8.75 48.11 49.06
C TRP C 34 -10.12 48.31 48.43
N GLU C 35 -10.14 48.70 47.15
CA GLU C 35 -11.39 48.82 46.43
C GLU C 35 -11.41 47.50 45.69
N VAL C 36 -12.51 46.75 45.82
CA VAL C 36 -12.59 45.44 45.17
C VAL C 36 -13.67 45.28 44.10
N VAL C 37 -13.21 45.00 42.88
CA VAL C 37 -14.09 44.79 41.73
C VAL C 37 -14.00 43.32 41.33
N GLU C 38 -15.14 42.74 40.96
CA GLU C 38 -15.20 41.34 40.57
C GLU C 38 -15.60 41.07 39.13
N SER C 39 -15.17 39.90 38.65
CA SER C 39 -15.49 39.42 37.31
C SER C 39 -15.86 37.95 37.45
N ASP C 40 -17.12 37.70 37.82
CA ASP C 40 -17.60 36.35 37.97
C ASP C 40 -18.07 35.96 36.57
N LEU C 41 -17.17 35.37 35.80
CA LEU C 41 -17.45 34.99 34.42
C LEU C 41 -18.76 34.21 34.21
N TYR C 42 -19.01 33.21 35.04
CA TYR C 42 -20.27 32.47 34.90
C TYR C 42 -21.47 33.37 35.20
N ALA C 43 -21.45 34.06 36.34
CA ALA C 43 -22.55 34.94 36.71
C ALA C 43 -22.71 36.07 35.69
N MET C 44 -21.64 36.38 34.96
CA MET C 44 -21.71 37.45 33.96
C MET C 44 -22.20 36.94 32.63
N ASN C 45 -22.41 35.63 32.56
CA ASN C 45 -22.88 35.00 31.32
C ASN C 45 -21.87 35.37 30.23
N PHE C 46 -20.59 35.26 30.59
CA PHE C 46 -19.48 35.61 29.72
C PHE C 46 -19.30 34.70 28.51
N ASN C 47 -19.06 35.35 27.37
CA ASN C 47 -18.82 34.67 26.11
C ASN C 47 -17.29 34.52 25.95
N PRO C 48 -16.79 33.28 26.05
CA PRO C 48 -15.37 32.98 25.93
C PRO C 48 -14.86 32.73 24.50
N ILE C 49 -15.75 32.83 23.52
CA ILE C 49 -15.35 32.56 22.14
C ILE C 49 -14.96 33.76 21.26
N ILE C 50 -13.69 33.86 20.90
CA ILE C 50 -13.25 34.96 20.02
C ILE C 50 -13.91 34.75 18.65
N SER C 51 -14.35 35.85 18.04
CA SER C 51 -15.00 35.80 16.73
C SER C 51 -15.02 37.20 16.16
N ARG C 52 -15.43 37.35 14.90
CA ARG C 52 -15.49 38.68 14.30
C ARG C 52 -16.55 39.52 15.00
N LYS C 53 -17.35 38.89 15.87
CA LYS C 53 -18.40 39.60 16.59
C LYS C 53 -17.84 40.35 17.79
N ASP C 54 -16.53 40.36 17.94
CA ASP C 54 -15.91 41.08 19.03
C ASP C 54 -15.65 42.49 18.53
N ILE C 55 -15.88 42.68 17.23
CA ILE C 55 -15.69 43.97 16.58
C ILE C 55 -17.04 44.51 16.07
N THR C 56 -17.34 45.76 16.40
CA THR C 56 -18.59 46.38 16.01
C THR C 56 -18.39 47.21 14.72
N GLY C 57 -17.26 47.89 14.64
CA GLY C 57 -16.96 48.68 13.45
C GLY C 57 -16.79 47.72 12.28
N LYS C 58 -16.82 48.23 11.05
CA LYS C 58 -16.65 47.36 9.89
C LYS C 58 -15.22 46.88 9.80
N LEU C 59 -15.04 45.59 9.53
CA LEU C 59 -13.71 45.00 9.42
C LEU C 59 -12.97 45.60 8.26
N LYS C 60 -11.64 45.67 8.41
CA LYS C 60 -10.78 46.20 7.36
C LYS C 60 -10.74 45.19 6.22
N ASP C 61 -10.82 43.91 6.56
CA ASP C 61 -10.75 42.83 5.58
C ASP C 61 -11.73 41.68 5.90
N PRO C 62 -13.01 41.84 5.54
CA PRO C 62 -14.07 40.86 5.76
C PRO C 62 -13.92 39.56 4.96
N ALA C 63 -13.18 39.61 3.86
CA ALA C 63 -12.97 38.46 3.00
C ALA C 63 -11.98 37.46 3.59
N ASN C 64 -11.02 37.98 4.33
CA ASN C 64 -9.99 37.19 5.00
C ASN C 64 -9.87 37.79 6.41
N PHE C 65 -10.72 37.32 7.31
CA PHE C 65 -10.71 37.81 8.68
C PHE C 65 -9.53 37.28 9.47
N GLN C 66 -8.76 38.19 10.08
CA GLN C 66 -7.61 37.80 10.89
C GLN C 66 -7.73 38.53 12.21
N TYR C 67 -8.15 37.77 13.21
CA TYR C 67 -8.43 38.27 14.55
C TYR C 67 -7.41 39.23 15.14
N PRO C 68 -6.13 38.86 15.15
CA PRO C 68 -5.12 39.76 15.74
C PRO C 68 -5.17 41.20 15.20
N ALA C 69 -4.97 41.35 13.89
CA ALA C 69 -4.97 42.65 13.26
C ALA C 69 -6.29 43.42 13.43
N GLU C 70 -7.42 42.73 13.27
CA GLU C 70 -8.73 43.36 13.39
C GLU C 70 -9.09 43.83 14.81
N SER C 71 -8.81 42.98 15.80
CA SER C 71 -9.12 43.33 17.18
C SER C 71 -8.22 44.47 17.64
N VAL C 72 -7.01 44.52 17.11
CA VAL C 72 -6.10 45.60 17.48
C VAL C 72 -6.62 46.89 16.85
N LEU C 73 -7.14 46.81 15.62
CA LEU C 73 -7.67 47.97 14.95
C LEU C 73 -8.91 48.44 15.69
N ALA C 74 -9.75 47.47 16.07
CA ALA C 74 -10.97 47.77 16.80
C ALA C 74 -10.63 48.43 18.13
N TYR C 75 -9.53 48.01 18.74
CA TYR C 75 -9.13 48.61 20.01
C TYR C 75 -8.79 50.09 19.82
N LYS C 76 -8.01 50.37 18.78
CA LYS C 76 -7.59 51.74 18.48
C LYS C 76 -8.73 52.64 18.02
N GLU C 77 -9.66 52.12 17.25
CA GLU C 77 -10.77 52.92 16.74
C GLU C 77 -12.01 52.94 17.63
N GLY C 78 -12.00 52.12 18.69
CA GLY C 78 -13.10 52.05 19.64
C GLY C 78 -14.26 51.16 19.22
N HIS C 79 -13.97 50.10 18.47
CA HIS C 79 -15.00 49.19 17.99
C HIS C 79 -15.11 47.83 18.69
N LEU C 80 -14.50 47.67 19.86
CA LEU C 80 -14.59 46.39 20.55
C LEU C 80 -15.97 46.29 21.17
N SER C 81 -16.50 45.08 21.31
CA SER C 81 -17.83 44.91 21.88
C SER C 81 -17.85 45.33 23.35
N PRO C 82 -19.00 45.88 23.81
CA PRO C 82 -19.23 46.34 25.18
C PRO C 82 -18.72 45.48 26.34
N ASP C 83 -18.85 44.16 26.23
CA ASP C 83 -18.38 43.29 27.31
C ASP C 83 -16.85 43.30 27.41
N ILE C 84 -16.17 43.30 26.26
CA ILE C 84 -14.71 43.34 26.26
C ILE C 84 -14.27 44.68 26.85
N VAL C 85 -14.86 45.75 26.32
CA VAL C 85 -14.54 47.10 26.79
C VAL C 85 -14.66 47.23 28.32
N ALA C 86 -15.77 46.76 28.87
CA ALA C 86 -15.99 46.82 30.32
C ALA C 86 -14.90 46.06 31.11
N GLU C 87 -14.42 44.94 30.59
CA GLU C 87 -13.38 44.17 31.30
C GLU C 87 -12.04 44.86 31.14
N GLN C 88 -11.81 45.49 30.01
CA GLN C 88 -10.56 46.19 29.80
C GLN C 88 -10.52 47.38 30.75
N LYS C 89 -11.67 47.95 31.07
CA LYS C 89 -11.72 49.09 31.99
C LYS C 89 -11.42 48.65 33.42
N LYS C 90 -11.92 47.46 33.78
CA LYS C 90 -11.68 46.91 35.11
C LYS C 90 -10.18 46.63 35.27
N LEU C 91 -9.57 46.03 34.25
CA LEU C 91 -8.15 45.71 34.28
C LEU C 91 -7.28 46.96 34.39
N GLU C 92 -7.55 47.92 33.52
CA GLU C 92 -6.81 49.17 33.48
C GLU C 92 -6.79 49.88 34.83
N ALA C 93 -7.87 49.72 35.58
CA ALA C 93 -7.97 50.35 36.89
C ALA C 93 -7.24 49.57 37.97
N ALA C 94 -7.49 48.26 38.03
CA ALA C 94 -6.89 47.36 39.01
C ALA C 94 -5.36 47.37 39.16
N ASP C 95 -4.91 47.29 40.42
CA ASP C 95 -3.48 47.27 40.76
C ASP C 95 -3.10 45.81 40.93
N LEU C 96 -4.01 45.08 41.55
CA LEU C 96 -3.83 43.67 41.82
C LEU C 96 -4.93 42.91 41.10
N VAL C 97 -4.58 41.82 40.43
CA VAL C 97 -5.59 41.02 39.75
C VAL C 97 -5.45 39.60 40.26
N ILE C 98 -6.53 39.09 40.85
CA ILE C 98 -6.56 37.74 41.40
C ILE C 98 -7.36 36.82 40.49
N PHE C 99 -6.77 35.72 40.07
CA PHE C 99 -7.47 34.74 39.25
C PHE C 99 -7.80 33.54 40.12
N GLN C 100 -9.07 33.38 40.46
CA GLN C 100 -9.53 32.29 41.31
C GLN C 100 -10.23 31.25 40.45
N PHE C 101 -9.71 30.02 40.47
CA PHE C 101 -10.30 28.95 39.68
C PHE C 101 -9.79 27.55 40.05
N PRO C 102 -10.57 26.52 39.70
CA PRO C 102 -10.16 25.14 39.99
C PRO C 102 -9.34 24.68 38.79
N LEU C 103 -8.29 23.89 39.02
CA LEU C 103 -7.48 23.39 37.92
C LEU C 103 -8.34 22.43 37.10
N GLN C 104 -8.40 22.66 35.79
CA GLN C 104 -9.17 21.82 34.90
C GLN C 104 -8.28 21.42 33.74
N TRP C 105 -8.03 20.13 33.63
CA TRP C 105 -7.17 19.59 32.59
C TRP C 105 -5.84 20.33 32.52
N PHE C 106 -5.21 20.41 33.69
CA PHE C 106 -3.91 21.02 33.86
C PHE C 106 -3.80 22.42 33.29
N GLY C 107 -4.87 23.18 33.42
CA GLY C 107 -4.89 24.54 32.95
C GLY C 107 -6.06 25.32 33.52
N VAL C 108 -6.36 26.46 32.93
CA VAL C 108 -7.48 27.27 33.38
C VAL C 108 -8.74 26.80 32.68
N PRO C 109 -9.91 27.00 33.31
CA PRO C 109 -11.15 26.56 32.68
C PRO C 109 -11.35 27.27 31.33
N ALA C 110 -12.03 26.62 30.40
CA ALA C 110 -12.27 27.19 29.08
C ALA C 110 -12.79 28.62 29.15
N ILE C 111 -13.73 28.87 30.05
CA ILE C 111 -14.32 30.19 30.15
C ILE C 111 -13.32 31.29 30.49
N LEU C 112 -12.29 30.96 31.28
CA LEU C 112 -11.27 31.93 31.66
C LEU C 112 -10.22 32.07 30.55
N LYS C 113 -9.95 30.96 29.84
CA LYS C 113 -9.00 30.99 28.73
C LYS C 113 -9.56 31.96 27.69
N GLY C 114 -10.86 31.85 27.47
CA GLY C 114 -11.56 32.70 26.52
C GLY C 114 -11.55 34.13 26.99
N TRP C 115 -11.60 34.34 28.30
CA TRP C 115 -11.56 35.68 28.85
C TRP C 115 -10.26 36.35 28.40
N PHE C 116 -9.15 35.64 28.56
CA PHE C 116 -7.84 36.16 28.16
C PHE C 116 -7.80 36.46 26.66
N GLU C 117 -8.29 35.51 25.88
CA GLU C 117 -8.30 35.64 24.43
C GLU C 117 -9.09 36.84 23.93
N ARG C 118 -10.24 37.13 24.54
CA ARG C 118 -11.05 38.26 24.09
C ARG C 118 -10.67 39.59 24.72
N VAL C 119 -10.14 39.55 25.93
CA VAL C 119 -9.79 40.78 26.64
C VAL C 119 -8.35 41.25 26.41
N PHE C 120 -7.39 40.34 26.47
CA PHE C 120 -5.99 40.70 26.25
C PHE C 120 -5.72 40.92 24.77
N ILE C 121 -6.26 42.01 24.25
CA ILE C 121 -6.12 42.39 22.85
C ILE C 121 -4.78 43.11 22.65
N GLY C 122 -4.20 42.98 21.47
CA GLY C 122 -2.94 43.64 21.19
C GLY C 122 -3.05 45.15 21.36
N GLU C 123 -1.93 45.79 21.75
CA GLU C 123 -1.87 47.23 22.01
C GLU C 123 -2.31 47.47 23.44
N PHE C 124 -3.50 46.98 23.76
CA PHE C 124 -4.05 47.11 25.11
C PHE C 124 -3.24 46.32 26.14
N ALA C 125 -3.15 45.01 25.95
CA ALA C 125 -2.45 44.14 26.89
C ALA C 125 -0.99 43.84 26.55
N TYR C 126 -0.59 44.02 25.31
CA TYR C 126 0.79 43.74 24.91
C TYR C 126 1.18 44.35 23.55
N THR C 127 2.47 44.33 23.27
CA THR C 127 3.02 44.81 22.00
C THR C 127 4.27 44.00 21.77
N TYR C 128 4.54 43.67 20.51
CA TYR C 128 5.72 42.89 20.20
C TYR C 128 6.99 43.67 20.47
N ALA C 129 6.85 44.98 20.61
CA ALA C 129 7.98 45.86 20.87
C ALA C 129 8.25 45.98 22.37
N ALA C 130 7.27 45.63 23.19
CA ALA C 130 7.44 45.73 24.63
C ALA C 130 6.93 44.50 25.36
N MET C 131 7.38 43.32 24.93
CA MET C 131 6.96 42.09 25.57
C MET C 131 7.46 41.98 27.01
N TYR C 132 6.88 41.03 27.74
CA TYR C 132 7.23 40.72 29.12
C TYR C 132 7.52 41.95 30.00
N ASP C 133 8.77 42.12 30.42
CA ASP C 133 9.19 43.26 31.26
C ASP C 133 8.52 44.58 30.95
N LYS C 134 8.49 44.89 29.67
CA LYS C 134 7.96 46.16 29.21
C LYS C 134 6.49 46.17 28.81
N GLY C 135 5.77 45.10 29.13
CA GLY C 135 4.35 45.05 28.80
C GLY C 135 3.54 46.10 29.53
N PRO C 136 2.36 46.47 29.00
CA PRO C 136 1.43 47.48 29.54
C PRO C 136 1.05 47.34 31.01
N PHE C 137 1.07 46.11 31.53
CA PHE C 137 0.69 45.85 32.91
C PHE C 137 1.86 45.78 33.90
N ARG C 138 3.03 46.23 33.48
CA ARG C 138 4.22 46.19 34.32
C ARG C 138 4.05 46.81 35.70
N SER C 139 3.10 47.72 35.85
CA SER C 139 2.86 48.36 37.13
C SER C 139 1.75 47.67 37.92
N LYS C 140 1.35 46.50 37.44
CA LYS C 140 0.30 45.74 38.12
C LYS C 140 0.90 44.43 38.59
N LYS C 141 0.17 43.75 39.48
CA LYS C 141 0.60 42.45 39.99
C LYS C 141 -0.56 41.48 39.85
N ALA C 142 -0.24 40.23 39.53
CA ALA C 142 -1.25 39.20 39.38
C ALA C 142 -0.91 37.95 40.18
N VAL C 143 -1.95 37.25 40.63
CA VAL C 143 -1.76 36.05 41.42
C VAL C 143 -2.80 35.02 41.03
N LEU C 144 -2.37 33.75 41.01
CA LEU C 144 -3.25 32.64 40.70
C LEU C 144 -3.57 31.89 41.97
N SER C 145 -4.85 31.78 42.30
CA SER C 145 -5.31 31.02 43.45
C SER C 145 -6.01 29.83 42.83
N ILE C 146 -5.36 28.67 42.92
CA ILE C 146 -5.85 27.44 42.29
C ILE C 146 -6.22 26.31 43.24
N THR C 147 -7.23 25.54 42.89
CA THR C 147 -7.68 24.41 43.68
C THR C 147 -7.61 23.19 42.77
N THR C 148 -7.25 22.03 43.33
CA THR C 148 -7.13 20.82 42.53
C THR C 148 -7.81 19.62 43.18
N GLY C 149 -8.01 18.56 42.41
CA GLY C 149 -8.60 17.35 42.94
C GLY C 149 -7.46 16.44 43.40
N GLY C 150 -6.35 16.52 42.68
CA GLY C 150 -5.19 15.71 43.01
C GLY C 150 -4.39 16.28 44.16
N SER C 151 -3.70 15.40 44.87
CA SER C 151 -2.89 15.79 46.02
C SER C 151 -1.61 16.47 45.58
N GLY C 152 -0.98 17.19 46.51
CA GLY C 152 0.24 17.90 46.19
C GLY C 152 1.40 17.01 45.79
N SER C 153 1.39 15.76 46.26
CA SER C 153 2.46 14.82 45.95
C SER C 153 2.38 14.37 44.51
N MET C 154 1.16 14.27 43.99
CA MET C 154 0.97 13.84 42.61
C MET C 154 1.63 14.87 41.70
N TYR C 155 1.82 16.07 42.24
CA TYR C 155 2.39 17.20 41.50
C TYR C 155 3.82 17.54 41.86
N SER C 156 4.49 16.63 42.56
CA SER C 156 5.89 16.82 42.95
C SER C 156 6.78 16.26 41.85
N LEU C 157 8.08 16.52 41.94
CA LEU C 157 9.02 16.03 40.94
C LEU C 157 8.91 14.52 40.71
N GLN C 158 8.47 13.79 41.74
CA GLN C 158 8.31 12.34 41.63
C GLN C 158 6.85 11.90 41.55
N GLY C 159 5.93 12.85 41.43
CA GLY C 159 4.51 12.52 41.32
C GLY C 159 4.16 12.13 39.90
N ILE C 160 3.09 11.36 39.71
CA ILE C 160 2.70 10.91 38.37
C ILE C 160 2.35 12.01 37.37
N HIS C 161 1.76 13.10 37.84
CA HIS C 161 1.37 14.21 36.95
C HIS C 161 2.59 15.00 36.55
N GLY C 162 3.63 14.89 37.37
CA GLY C 162 4.86 15.63 37.10
C GLY C 162 4.87 16.97 37.82
N ASP C 163 5.95 17.70 37.63
CA ASP C 163 6.15 18.99 38.27
C ASP C 163 5.12 20.08 37.94
N MET C 164 4.41 20.53 38.97
CA MET C 164 3.41 21.59 38.85
C MET C 164 4.04 22.88 38.31
N ASN C 165 5.35 23.06 38.48
CA ASN C 165 6.03 24.27 38.00
C ASN C 165 6.00 24.32 36.48
N VAL C 166 5.94 23.15 35.84
CA VAL C 166 5.89 23.06 34.39
C VAL C 166 4.49 23.45 33.90
N ILE C 167 3.48 22.99 34.63
CA ILE C 167 2.08 23.26 34.33
C ILE C 167 1.77 24.75 34.46
N LEU C 168 2.30 25.38 35.51
CA LEU C 168 2.08 26.80 35.75
C LEU C 168 2.82 27.72 34.78
N TRP C 169 3.92 27.25 34.20
CA TRP C 169 4.71 28.06 33.29
C TRP C 169 3.94 28.77 32.18
N PRO C 170 3.23 28.01 31.33
CA PRO C 170 2.46 28.57 30.20
C PRO C 170 1.51 29.71 30.59
N ILE C 171 0.89 29.60 31.75
CA ILE C 171 -0.03 30.62 32.23
C ILE C 171 0.69 31.83 32.81
N GLN C 172 1.54 31.59 33.80
CA GLN C 172 2.25 32.67 34.44
C GLN C 172 3.27 33.41 33.57
N SER C 173 3.98 32.68 32.73
CA SER C 173 4.92 33.36 31.85
C SER C 173 4.21 33.79 30.56
N GLY C 174 3.64 32.83 29.84
CA GLY C 174 2.96 33.09 28.59
C GLY C 174 1.78 34.05 28.55
N ILE C 175 0.97 34.09 29.59
CA ILE C 175 -0.18 34.98 29.58
C ILE C 175 0.05 36.21 30.46
N LEU C 176 0.28 35.99 31.75
CA LEU C 176 0.49 37.07 32.68
C LEU C 176 1.74 37.91 32.49
N HIS C 177 2.92 37.31 32.64
CA HIS C 177 4.16 38.07 32.49
C HIS C 177 4.41 38.61 31.08
N PHE C 178 3.82 37.99 30.08
CA PHE C 178 4.01 38.46 28.71
C PHE C 178 3.45 39.87 28.57
N CYS C 179 2.37 40.16 29.29
CA CYS C 179 1.75 41.48 29.23
C CYS C 179 2.35 42.49 30.23
N GLY C 180 3.43 42.11 30.92
CA GLY C 180 4.04 43.05 31.86
C GLY C 180 3.81 42.75 33.32
N PHE C 181 2.80 41.93 33.60
CA PHE C 181 2.45 41.57 34.96
C PHE C 181 3.63 41.07 35.77
N GLN C 182 3.64 41.44 37.04
CA GLN C 182 4.63 40.96 38.01
C GLN C 182 3.80 39.82 38.58
N VAL C 183 4.30 38.59 38.56
CA VAL C 183 3.50 37.48 39.05
C VAL C 183 3.96 37.03 40.43
N LEU C 184 3.04 37.06 41.39
CA LEU C 184 3.31 36.67 42.77
C LEU C 184 3.16 35.16 42.89
N GLU C 185 3.59 34.60 44.02
CA GLU C 185 3.50 33.15 44.23
C GLU C 185 2.07 32.65 44.18
N PRO C 186 1.81 31.60 43.40
CA PRO C 186 0.45 31.08 43.32
C PRO C 186 -0.03 30.45 44.62
N GLN C 187 -1.29 30.67 44.95
CA GLN C 187 -1.90 30.08 46.15
C GLN C 187 -2.41 28.71 45.68
N LEU C 188 -1.69 27.64 46.04
CA LEU C 188 -2.06 26.29 45.61
C LEU C 188 -2.73 25.41 46.67
N THR C 189 -4.04 25.22 46.55
CA THR C 189 -4.75 24.39 47.54
C THR C 189 -5.14 23.02 46.91
N TYR C 190 -4.27 22.05 47.14
CA TYR C 190 -4.41 20.69 46.64
C TYR C 190 -5.49 19.85 47.28
N SER C 191 -5.99 18.88 46.52
CA SER C 191 -7.04 17.94 46.95
C SER C 191 -8.10 18.53 47.89
N ILE C 192 -8.72 19.61 47.44
CA ILE C 192 -9.75 20.28 48.23
C ILE C 192 -10.99 19.40 48.48
N GLY C 193 -11.12 18.33 47.71
CA GLY C 193 -12.24 17.42 47.88
C GLY C 193 -11.91 16.30 48.86
N HIS C 194 -10.74 16.41 49.47
CA HIS C 194 -10.28 15.43 50.45
C HIS C 194 -9.66 16.21 51.61
N THR C 195 -10.36 17.24 52.04
CA THR C 195 -9.89 18.09 53.12
C THR C 195 -10.98 18.24 54.19
N PRO C 196 -10.65 17.94 55.46
CA PRO C 196 -11.59 18.04 56.58
C PRO C 196 -12.20 19.43 56.68
N ALA C 197 -13.43 19.50 57.17
CA ALA C 197 -14.15 20.78 57.29
C ALA C 197 -13.38 21.89 58.02
N ASP C 198 -12.60 21.51 59.02
CA ASP C 198 -11.82 22.49 59.80
C ASP C 198 -10.57 22.93 59.05
N ALA C 199 -9.99 21.99 58.31
CA ALA C 199 -8.78 22.27 57.54
C ALA C 199 -9.09 23.31 56.45
N ARG C 200 -10.28 23.21 55.86
CA ARG C 200 -10.70 24.14 54.81
C ARG C 200 -10.89 25.54 55.38
N ILE C 201 -11.38 25.61 56.62
CA ILE C 201 -11.59 26.91 57.27
C ILE C 201 -10.24 27.60 57.50
N GLN C 202 -9.21 26.81 57.74
CA GLN C 202 -7.87 27.35 57.93
C GLN C 202 -7.34 27.90 56.61
N ILE C 203 -7.62 27.19 55.53
CA ILE C 203 -7.19 27.61 54.19
C ILE C 203 -7.79 28.98 53.88
N LEU C 204 -9.06 29.16 54.20
CA LEU C 204 -9.70 30.45 53.96
C LEU C 204 -8.99 31.53 54.76
N GLU C 205 -8.77 31.27 56.05
CA GLU C 205 -8.09 32.24 56.90
C GLU C 205 -6.64 32.46 56.46
N GLY C 206 -5.97 31.40 56.05
CA GLY C 206 -4.60 31.52 55.60
C GLY C 206 -4.51 32.46 54.42
N TRP C 207 -5.42 32.27 53.48
CA TRP C 207 -5.47 33.09 52.27
C TRP C 207 -5.67 34.56 52.69
N LYS C 208 -6.73 34.83 53.47
CA LYS C 208 -7.03 36.18 53.93
C LYS C 208 -5.83 36.82 54.63
N LYS C 209 -5.10 36.02 55.40
CA LYS C 209 -3.93 36.50 56.12
C LYS C 209 -2.84 36.96 55.17
N ARG C 210 -2.66 36.22 54.09
CA ARG C 210 -1.64 36.55 53.09
C ARG C 210 -1.96 37.84 52.37
N LEU C 211 -3.23 37.98 52.01
CA LEU C 211 -3.70 39.14 51.29
C LEU C 211 -3.48 40.43 52.05
N GLU C 212 -3.27 40.34 53.35
CA GLU C 212 -3.04 41.55 54.14
C GLU C 212 -1.74 42.26 53.70
N ASN C 213 -0.77 41.49 53.23
CA ASN C 213 0.52 42.05 52.80
C ASN C 213 0.94 41.58 51.41
N ILE C 214 -0.02 41.07 50.65
CA ILE C 214 0.24 40.57 49.31
C ILE C 214 1.01 41.53 48.41
N TRP C 215 0.73 42.82 48.50
CA TRP C 215 1.39 43.81 47.67
C TRP C 215 2.88 44.00 47.94
N ASP C 216 3.32 43.64 49.14
CA ASP C 216 4.72 43.79 49.51
C ASP C 216 5.51 42.53 49.22
N GLU C 217 4.86 41.54 48.63
CA GLU C 217 5.55 40.30 48.33
C GLU C 217 6.57 40.43 47.22
N THR C 218 7.59 39.58 47.26
CA THR C 218 8.63 39.55 46.24
C THR C 218 8.04 38.63 45.16
N PRO C 219 7.93 39.12 43.92
CA PRO C 219 7.37 38.30 42.84
C PRO C 219 8.27 37.20 42.31
N LEU C 220 7.68 36.31 41.49
CA LEU C 220 8.39 35.19 40.89
C LEU C 220 9.45 35.66 39.90
N TYR C 221 10.48 34.85 39.72
CA TYR C 221 11.57 35.20 38.81
C TYR C 221 11.39 34.72 37.38
N PHE C 222 11.55 35.64 36.44
CA PHE C 222 11.47 35.37 35.01
C PHE C 222 12.69 36.03 34.42
N ALA C 223 13.36 35.40 33.47
CA ALA C 223 14.54 36.02 32.86
C ALA C 223 14.10 37.39 32.30
N PRO C 224 14.85 38.46 32.62
CA PRO C 224 14.46 39.78 32.11
C PRO C 224 14.61 39.84 30.59
N SER C 225 13.87 40.73 29.94
CA SER C 225 13.96 40.83 28.49
C SER C 225 15.32 41.38 28.03
N SER C 226 16.02 42.07 28.94
CA SER C 226 17.31 42.67 28.64
C SER C 226 18.37 41.64 28.32
N LEU C 227 18.07 40.38 28.55
CA LEU C 227 19.03 39.30 28.29
C LEU C 227 18.87 38.75 26.89
N PHE C 228 17.92 39.30 26.14
CA PHE C 228 17.64 38.84 24.77
C PHE C 228 17.73 39.96 23.76
N ASP C 229 18.07 39.63 22.52
CA ASP C 229 18.14 40.60 21.43
C ASP C 229 16.72 40.68 20.85
N LEU C 230 15.92 41.60 21.38
CA LEU C 230 14.53 41.74 20.98
C LEU C 230 14.24 42.30 19.57
N ASN C 231 14.61 41.55 18.53
CA ASN C 231 14.34 42.02 17.17
C ASN C 231 14.20 40.85 16.20
N PHE C 232 13.18 40.94 15.36
CA PHE C 232 12.90 39.89 14.39
C PHE C 232 14.16 39.40 13.71
N GLN C 233 15.10 40.32 13.53
CA GLN C 233 16.38 40.00 12.90
C GLN C 233 17.15 38.96 13.72
N ALA C 234 17.30 39.22 15.02
CA ALA C 234 18.02 38.32 15.91
C ALA C 234 17.24 37.07 16.32
N GLY C 235 15.96 37.02 15.95
CA GLY C 235 15.14 35.87 16.29
C GLY C 235 14.76 35.86 17.75
N PHE C 236 14.92 37.00 18.40
CA PHE C 236 14.60 37.15 19.83
C PHE C 236 15.32 36.14 20.70
N LEU C 237 16.55 35.79 20.31
CA LEU C 237 17.32 34.84 21.09
C LEU C 237 18.15 35.56 22.16
N MET C 238 18.52 34.81 23.18
CA MET C 238 19.31 35.29 24.30
C MET C 238 20.62 35.86 23.77
N LYS C 239 21.01 37.03 24.26
CA LYS C 239 22.24 37.65 23.80
C LYS C 239 23.38 36.67 23.99
N LYS C 240 24.32 36.68 23.04
CA LYS C 240 25.46 35.77 23.07
C LYS C 240 26.31 35.94 24.32
N GLU C 241 26.44 37.18 24.80
CA GLU C 241 27.23 37.47 25.99
C GLU C 241 26.59 36.78 27.18
N VAL C 242 25.26 36.71 27.16
CA VAL C 242 24.50 36.09 28.23
C VAL C 242 24.60 34.58 28.09
N GLN C 243 24.60 34.12 26.84
CA GLN C 243 24.69 32.69 26.56
C GLN C 243 26.01 32.13 27.07
N ASP C 244 27.06 32.91 26.90
CA ASP C 244 28.39 32.50 27.36
C ASP C 244 28.43 32.53 28.89
N GLU C 245 27.99 33.62 29.47
CA GLU C 245 27.97 33.74 30.92
C GLU C 245 27.14 32.64 31.55
N GLU C 246 26.06 32.25 30.89
CA GLU C 246 25.17 31.23 31.41
C GLU C 246 25.71 29.80 31.34
N LYS C 247 26.69 29.58 30.47
CA LYS C 247 27.30 28.25 30.31
C LYS C 247 27.97 27.74 31.59
N ASN C 248 28.37 28.66 32.47
CA ASN C 248 29.03 28.29 33.71
C ASN C 248 28.08 28.14 34.90
N LYS C 249 26.78 28.27 34.63
CA LYS C 249 25.76 28.15 35.66
C LYS C 249 25.17 26.74 35.69
N LYS C 250 24.88 26.27 36.89
CA LYS C 250 24.33 24.94 37.10
C LYS C 250 22.84 24.87 36.72
N PHE C 251 22.09 25.85 37.21
CA PHE C 251 20.66 25.94 36.97
C PHE C 251 20.27 26.83 35.79
N GLY C 252 19.14 26.51 35.17
CA GLY C 252 18.66 27.33 34.09
C GLY C 252 18.08 28.56 34.74
N LEU C 253 17.66 29.54 33.95
CA LEU C 253 17.11 30.76 34.51
C LEU C 253 15.71 30.52 35.07
N SER C 254 14.89 29.76 34.35
CA SER C 254 13.53 29.49 34.77
C SER C 254 13.04 28.20 34.13
N VAL C 255 11.78 27.84 34.38
CA VAL C 255 11.24 26.62 33.79
C VAL C 255 11.29 26.74 32.27
N GLY C 256 10.89 27.91 31.77
CA GLY C 256 10.89 28.12 30.33
C GLY C 256 12.29 28.28 29.79
N HIS C 257 13.17 28.87 30.57
CA HIS C 257 14.53 29.04 30.12
C HIS C 257 15.43 28.14 30.91
N HIS C 258 15.08 26.85 30.94
CA HIS C 258 15.88 25.87 31.64
C HIS C 258 17.23 25.68 30.94
N LEU C 259 17.28 26.09 29.67
CA LEU C 259 18.49 26.00 28.85
C LEU C 259 19.08 24.58 28.72
N GLY C 260 18.30 23.58 29.07
CA GLY C 260 18.75 22.20 28.97
C GLY C 260 19.43 21.71 30.23
N LYS C 261 19.46 22.58 31.23
CA LYS C 261 20.08 22.26 32.52
C LYS C 261 18.99 22.11 33.57
N SER C 262 19.38 22.00 34.82
CA SER C 262 18.41 21.84 35.88
C SER C 262 17.51 23.05 36.01
N ILE C 263 16.26 22.81 36.41
CA ILE C 263 15.32 23.90 36.58
C ILE C 263 15.39 24.38 38.01
N PRO C 264 15.60 25.70 38.20
CA PRO C 264 15.66 26.18 39.59
C PRO C 264 14.40 25.77 40.35
N THR C 265 14.61 25.16 41.52
CA THR C 265 13.52 24.69 42.35
C THR C 265 12.37 25.69 42.53
N ASP C 266 11.15 25.19 42.35
CA ASP C 266 9.94 25.98 42.46
C ASP C 266 10.02 27.39 41.89
N ASN C 267 10.62 27.50 40.70
CA ASN C 267 10.76 28.77 40.00
C ASN C 267 9.40 29.45 39.76
N GLN C 268 8.36 28.63 39.58
CA GLN C 268 7.03 29.16 39.32
C GLN C 268 6.09 29.12 40.54
N ILE C 269 6.62 28.65 41.68
CA ILE C 269 5.81 28.54 42.89
C ILE C 269 6.29 29.41 44.05
N LYS C 270 7.61 29.59 44.12
CA LYS C 270 8.22 30.39 45.18
C LYS C 270 9.10 31.51 44.64
N ALA C 271 9.01 32.69 45.24
CA ALA C 271 9.81 33.83 44.81
C ALA C 271 11.27 33.71 45.24
N ARG C 272 12.00 34.83 45.23
CA ARG C 272 13.42 34.85 45.60
C ARG C 272 14.20 33.96 44.62
N LYS C 273 14.87 34.58 43.65
CA LYS C 273 15.65 33.86 42.64
C LYS C 273 16.47 34.82 41.76
N ALA D 1 7.12 4.20 -39.10
CA ALA D 1 7.32 2.97 -39.94
C ALA D 1 8.37 2.03 -39.37
N GLY D 2 8.83 1.12 -40.23
CA GLY D 2 9.84 0.15 -39.85
C GLY D 2 11.19 0.50 -40.42
N ARG D 3 12.23 0.42 -39.59
CA ARG D 3 13.58 0.74 -40.00
C ARG D 3 14.60 -0.37 -39.64
N ARG D 4 14.32 -1.09 -38.54
CA ARG D 4 15.17 -2.20 -38.09
C ARG D 4 14.41 -3.52 -38.03
N ALA D 5 15.07 -4.61 -38.41
CA ALA D 5 14.44 -5.93 -38.37
C ALA D 5 15.31 -6.99 -37.69
N LEU D 6 14.67 -7.90 -36.96
CA LEU D 6 15.37 -9.00 -36.30
C LEU D 6 14.82 -10.27 -36.94
N ILE D 7 15.71 -11.14 -37.43
CA ILE D 7 15.28 -12.40 -38.02
C ILE D 7 15.75 -13.54 -37.12
N VAL D 8 14.81 -14.21 -36.48
CA VAL D 8 15.14 -15.33 -35.60
C VAL D 8 14.94 -16.58 -36.44
N LEU D 9 16.02 -17.32 -36.65
CA LEU D 9 16.00 -18.55 -37.43
C LEU D 9 16.24 -19.75 -36.50
N ALA D 10 15.50 -20.83 -36.71
CA ALA D 10 15.67 -22.04 -35.90
C ALA D 10 15.79 -23.25 -36.81
N HIS D 11 16.98 -23.43 -37.38
CA HIS D 11 17.24 -24.57 -38.24
C HIS D 11 18.75 -24.83 -38.18
N SER D 12 19.12 -26.10 -38.07
CA SER D 12 20.52 -26.44 -37.96
C SER D 12 21.34 -26.40 -39.25
N GLU D 13 20.70 -26.67 -40.38
CA GLU D 13 21.40 -26.73 -41.65
C GLU D 13 21.45 -25.46 -42.46
N ARG D 14 22.68 -25.08 -42.82
CA ARG D 14 22.92 -23.90 -43.62
C ARG D 14 22.45 -24.21 -45.06
N THR D 15 22.17 -25.49 -45.33
CA THR D 15 21.72 -25.91 -46.64
C THR D 15 20.20 -26.07 -46.78
N SER D 16 19.46 -25.79 -45.71
CA SER D 16 18.00 -25.94 -45.73
C SER D 16 17.29 -24.79 -46.42
N PHE D 17 16.01 -25.00 -46.75
CA PHE D 17 15.21 -23.96 -47.39
C PHE D 17 14.99 -22.85 -46.38
N ASN D 18 14.94 -23.21 -45.10
CA ASN D 18 14.73 -22.22 -44.04
C ASN D 18 15.86 -21.21 -44.03
N TYR D 19 17.07 -21.69 -44.27
CA TYR D 19 18.21 -20.80 -44.29
C TYR D 19 18.09 -19.92 -45.54
N ALA D 20 17.66 -20.52 -46.65
CA ALA D 20 17.51 -19.74 -47.88
C ALA D 20 16.48 -18.63 -47.66
N MET D 21 15.38 -18.97 -46.98
CA MET D 21 14.31 -18.01 -46.69
C MET D 21 14.78 -16.90 -45.78
N LYS D 22 15.76 -17.20 -44.93
CA LYS D 22 16.32 -16.23 -44.01
C LYS D 22 17.23 -15.30 -44.81
N GLU D 23 17.94 -15.86 -45.78
CA GLU D 23 18.84 -15.09 -46.63
C GLU D 23 18.02 -14.18 -47.53
N ALA D 24 16.92 -14.69 -48.05
CA ALA D 24 16.04 -13.91 -48.92
C ALA D 24 15.48 -12.69 -48.17
N ALA D 25 15.00 -12.90 -46.95
CA ALA D 25 14.44 -11.81 -46.16
C ALA D 25 15.51 -10.78 -45.86
N ALA D 26 16.69 -11.23 -45.44
CA ALA D 26 17.79 -10.31 -45.12
C ALA D 26 18.09 -9.43 -46.34
N ALA D 27 18.37 -10.07 -47.48
CA ALA D 27 18.67 -9.36 -48.72
C ALA D 27 17.59 -8.36 -49.10
N ALA D 28 16.34 -8.83 -49.19
CA ALA D 28 15.19 -8.02 -49.56
C ALA D 28 15.04 -6.78 -48.67
N LEU D 29 14.96 -6.98 -47.35
CA LEU D 29 14.83 -5.86 -46.41
C LEU D 29 15.99 -4.85 -46.54
N LYS D 30 17.23 -5.34 -46.55
CA LYS D 30 18.39 -4.47 -46.66
C LYS D 30 18.32 -3.62 -47.92
N LYS D 31 18.05 -4.29 -49.04
CA LYS D 31 17.94 -3.65 -50.35
C LYS D 31 16.84 -2.60 -50.35
N LYS D 32 16.03 -2.61 -49.30
CA LYS D 32 14.93 -1.67 -49.15
C LYS D 32 15.29 -0.65 -48.09
N GLY D 33 16.53 -0.71 -47.62
CA GLY D 33 17.00 0.24 -46.63
C GLY D 33 16.95 -0.16 -45.17
N TRP D 34 16.40 -1.34 -44.86
CA TRP D 34 16.32 -1.81 -43.47
C TRP D 34 17.68 -2.21 -42.91
N GLU D 35 17.75 -2.23 -41.59
CA GLU D 35 18.94 -2.65 -40.88
C GLU D 35 18.53 -4.05 -40.42
N VAL D 36 19.31 -5.06 -40.76
CA VAL D 36 18.96 -6.43 -40.37
C VAL D 36 19.94 -7.10 -39.41
N VAL D 37 19.40 -7.59 -38.31
CA VAL D 37 20.17 -8.31 -37.28
C VAL D 37 19.64 -9.73 -37.20
N GLU D 38 20.52 -10.68 -36.90
CA GLU D 38 20.12 -12.07 -36.82
C GLU D 38 20.29 -12.76 -35.48
N SER D 39 19.49 -13.80 -35.31
CA SER D 39 19.51 -14.66 -34.14
C SER D 39 19.34 -16.07 -34.69
N ASP D 40 20.45 -16.63 -35.15
CA ASP D 40 20.47 -17.97 -35.71
C ASP D 40 20.78 -18.86 -34.51
N LEU D 41 19.72 -19.24 -33.80
CA LEU D 41 19.80 -20.06 -32.59
C LEU D 41 20.79 -21.23 -32.60
N TYR D 42 20.79 -22.00 -33.68
CA TYR D 42 21.72 -23.12 -33.79
C TYR D 42 23.17 -22.66 -33.94
N ALA D 43 23.41 -21.74 -34.86
CA ALA D 43 24.75 -21.24 -35.10
C ALA D 43 25.28 -20.58 -33.82
N MET D 44 24.39 -19.96 -33.07
CA MET D 44 24.76 -19.30 -31.81
C MET D 44 24.87 -20.34 -30.71
N ASN D 45 24.50 -21.57 -31.03
CA ASN D 45 24.51 -22.66 -30.06
C ASN D 45 23.70 -22.18 -28.85
N PHE D 46 22.51 -21.67 -29.12
CA PHE D 46 21.66 -21.15 -28.06
C PHE D 46 21.16 -22.17 -27.04
N ASN D 47 21.27 -21.80 -25.76
CA ASN D 47 20.80 -22.64 -24.68
C ASN D 47 19.30 -22.36 -24.49
N PRO D 48 18.45 -23.35 -24.77
CA PRO D 48 17.01 -23.14 -24.62
C PRO D 48 16.38 -23.55 -23.29
N ILE D 49 17.18 -24.06 -22.36
CA ILE D 49 16.63 -24.53 -21.09
C ILE D 49 16.69 -23.54 -19.94
N ILE D 50 15.54 -23.14 -19.43
CA ILE D 50 15.50 -22.20 -18.31
C ILE D 50 16.10 -22.90 -17.09
N SER D 51 16.85 -22.15 -16.29
CA SER D 51 17.47 -22.69 -15.08
C SER D 51 17.85 -21.58 -14.10
N ARG D 52 18.29 -21.98 -12.92
CA ARG D 52 18.68 -21.02 -11.88
C ARG D 52 19.91 -20.24 -12.32
N LYS D 53 20.60 -20.78 -13.33
CA LYS D 53 21.81 -20.15 -13.87
C LYS D 53 21.51 -18.91 -14.70
N ASP D 54 20.24 -18.72 -15.06
CA ASP D 54 19.83 -17.55 -15.82
C ASP D 54 19.93 -16.30 -14.95
N ILE D 55 20.13 -16.52 -13.65
CA ILE D 55 20.29 -15.44 -12.68
C ILE D 55 21.75 -15.46 -12.20
N THR D 56 22.54 -14.48 -12.67
CA THR D 56 23.96 -14.38 -12.29
C THR D 56 24.11 -13.77 -10.91
N GLY D 57 23.84 -14.58 -9.88
CA GLY D 57 23.96 -14.08 -8.51
C GLY D 57 23.07 -14.84 -7.56
N LYS D 58 22.98 -14.39 -6.31
CA LYS D 58 22.14 -15.07 -5.33
C LYS D 58 20.66 -14.91 -5.63
N LEU D 59 19.90 -15.98 -5.42
CA LEU D 59 18.46 -16.00 -5.66
C LEU D 59 17.71 -15.50 -4.44
N LYS D 60 16.57 -14.84 -4.65
CA LYS D 60 15.77 -14.32 -3.54
C LYS D 60 15.27 -15.45 -2.64
N ASP D 61 15.05 -16.62 -3.22
CA ASP D 61 14.56 -17.74 -2.43
C ASP D 61 15.01 -19.09 -2.98
N PRO D 62 16.29 -19.44 -2.77
CA PRO D 62 16.89 -20.69 -3.23
C PRO D 62 16.24 -21.97 -2.69
N ALA D 63 15.55 -21.85 -1.56
CA ALA D 63 14.91 -23.01 -0.94
C ALA D 63 13.61 -23.42 -1.63
N ASN D 64 13.14 -22.57 -2.54
CA ASN D 64 11.92 -22.81 -3.28
C ASN D 64 12.02 -21.93 -4.50
N PHE D 65 12.76 -22.41 -5.49
CA PHE D 65 12.98 -21.66 -6.70
C PHE D 65 11.77 -21.60 -7.64
N GLN D 66 11.34 -20.38 -7.93
CA GLN D 66 10.23 -20.17 -8.85
C GLN D 66 10.78 -19.26 -9.94
N TYR D 67 10.94 -19.82 -11.13
CA TYR D 67 11.52 -19.09 -12.25
C TYR D 67 10.90 -17.73 -12.61
N PRO D 68 9.56 -17.63 -12.61
CA PRO D 68 8.93 -16.35 -12.96
C PRO D 68 9.44 -15.18 -12.11
N ALA D 69 9.18 -15.25 -10.81
CA ALA D 69 9.58 -14.20 -9.89
C ALA D 69 11.09 -13.95 -9.87
N GLU D 70 11.88 -15.01 -9.80
CA GLU D 70 13.33 -14.91 -9.77
C GLU D 70 13.89 -14.25 -11.05
N SER D 71 13.35 -14.62 -12.19
CA SER D 71 13.83 -14.06 -13.45
C SER D 71 13.47 -12.59 -13.59
N VAL D 72 12.28 -12.22 -13.11
CA VAL D 72 11.85 -10.83 -13.20
C VAL D 72 12.74 -9.99 -12.31
N LEU D 73 13.02 -10.49 -11.11
CA LEU D 73 13.88 -9.77 -10.17
C LEU D 73 15.27 -9.60 -10.75
N ALA D 74 15.79 -10.68 -11.31
CA ALA D 74 17.11 -10.64 -11.92
C ALA D 74 17.08 -9.56 -13.00
N TYR D 75 15.97 -9.49 -13.74
CA TYR D 75 15.83 -8.50 -14.80
C TYR D 75 15.90 -7.07 -14.25
N LYS D 76 15.11 -6.80 -13.22
CA LYS D 76 15.08 -5.49 -12.61
C LYS D 76 16.43 -5.05 -12.07
N GLU D 77 17.10 -5.97 -11.37
CA GLU D 77 18.40 -5.71 -10.78
C GLU D 77 19.55 -5.88 -11.78
N GLY D 78 19.23 -6.29 -12.99
CA GLY D 78 20.26 -6.48 -14.00
C GLY D 78 21.18 -7.67 -13.78
N HIS D 79 20.62 -8.77 -13.29
CA HIS D 79 21.40 -9.98 -13.04
C HIS D 79 21.00 -11.11 -13.99
N LEU D 80 20.45 -10.77 -15.16
CA LEU D 80 20.08 -11.82 -16.12
C LEU D 80 21.32 -12.30 -16.86
N SER D 81 21.35 -13.58 -17.20
CA SER D 81 22.48 -14.13 -17.92
C SER D 81 22.74 -13.28 -19.18
N PRO D 82 24.01 -12.94 -19.46
CA PRO D 82 24.37 -12.13 -20.63
C PRO D 82 23.72 -12.54 -21.95
N ASP D 83 23.71 -13.83 -22.26
CA ASP D 83 23.11 -14.31 -23.50
C ASP D 83 21.62 -13.97 -23.61
N ILE D 84 20.93 -13.92 -22.47
CA ILE D 84 19.52 -13.55 -22.50
C ILE D 84 19.41 -12.04 -22.79
N VAL D 85 20.21 -11.25 -22.08
CA VAL D 85 20.19 -9.80 -22.26
C VAL D 85 20.48 -9.39 -23.70
N ALA D 86 21.51 -9.99 -24.30
CA ALA D 86 21.87 -9.68 -25.68
C ALA D 86 20.69 -9.85 -26.66
N GLU D 87 19.84 -10.85 -26.39
CA GLU D 87 18.66 -11.08 -27.23
C GLU D 87 17.58 -10.06 -26.92
N GLN D 88 17.47 -9.71 -25.64
CA GLN D 88 16.49 -8.72 -25.25
C GLN D 88 16.84 -7.38 -25.90
N LYS D 89 18.12 -7.12 -26.11
CA LYS D 89 18.54 -5.87 -26.75
C LYS D 89 18.17 -5.90 -28.22
N LYS D 90 18.29 -7.07 -28.85
CA LYS D 90 17.92 -7.19 -30.25
C LYS D 90 16.41 -6.93 -30.39
N LEU D 91 15.61 -7.42 -29.43
CA LEU D 91 14.17 -7.21 -29.47
C LEU D 91 13.79 -5.72 -29.31
N GLU D 92 14.39 -5.06 -28.34
CA GLU D 92 14.12 -3.63 -28.10
C GLU D 92 14.51 -2.73 -29.27
N ALA D 93 15.56 -3.13 -30.00
CA ALA D 93 16.01 -2.35 -31.13
C ALA D 93 15.24 -2.66 -32.40
N ALA D 94 14.50 -3.76 -32.40
CA ALA D 94 13.77 -4.15 -33.60
C ALA D 94 12.33 -3.64 -33.76
N ASP D 95 11.98 -3.29 -35.00
CA ASP D 95 10.62 -2.82 -35.34
C ASP D 95 9.85 -4.02 -35.89
N LEU D 96 10.56 -4.84 -36.66
CA LEU D 96 9.99 -6.03 -37.26
C LEU D 96 10.78 -7.26 -36.81
N VAL D 97 10.08 -8.29 -36.37
CA VAL D 97 10.72 -9.52 -35.96
C VAL D 97 10.14 -10.65 -36.81
N ILE D 98 11.01 -11.39 -37.47
CA ILE D 98 10.60 -12.48 -38.33
C ILE D 98 11.05 -13.80 -37.70
N PHE D 99 10.12 -14.73 -37.54
CA PHE D 99 10.46 -16.04 -36.98
C PHE D 99 10.44 -17.05 -38.12
N GLN D 100 11.64 -17.47 -38.55
CA GLN D 100 11.81 -18.42 -39.64
C GLN D 100 12.10 -19.82 -39.13
N PHE D 101 11.16 -20.73 -39.32
CA PHE D 101 11.34 -22.08 -38.85
C PHE D 101 10.50 -23.13 -39.53
N PRO D 102 10.91 -24.41 -39.43
CA PRO D 102 10.18 -25.52 -40.02
C PRO D 102 9.21 -25.96 -38.93
N LEU D 103 7.96 -26.22 -39.29
CA LEU D 103 6.99 -26.64 -38.30
C LEU D 103 7.45 -27.98 -37.75
N GLN D 104 7.49 -28.10 -36.43
CA GLN D 104 7.90 -29.35 -35.80
C GLN D 104 6.90 -29.74 -34.73
N TRP D 105 6.25 -30.88 -34.93
CA TRP D 105 5.24 -31.39 -34.02
C TRP D 105 4.22 -30.32 -33.72
N PHE D 106 3.70 -29.75 -34.81
CA PHE D 106 2.66 -28.74 -34.78
C PHE D 106 2.93 -27.52 -33.93
N GLY D 107 4.20 -27.11 -33.88
CA GLY D 107 4.56 -25.95 -33.11
C GLY D 107 5.96 -25.54 -33.48
N VAL D 108 6.57 -24.70 -32.66
CA VAL D 108 7.92 -24.25 -32.94
C VAL D 108 8.98 -25.23 -32.45
N PRO D 109 10.19 -25.19 -33.06
CA PRO D 109 11.25 -26.09 -32.61
C PRO D 109 11.56 -25.80 -31.14
N ALA D 110 12.00 -26.83 -30.41
CA ALA D 110 12.29 -26.65 -28.99
C ALA D 110 13.33 -25.55 -28.75
N ILE D 111 14.31 -25.39 -29.62
CA ILE D 111 15.32 -24.37 -29.42
C ILE D 111 14.72 -22.95 -29.42
N LEU D 112 13.67 -22.76 -30.23
CA LEU D 112 12.99 -21.47 -30.31
C LEU D 112 12.01 -21.38 -29.12
N LYS D 113 11.32 -22.47 -28.83
CA LYS D 113 10.39 -22.44 -27.70
C LYS D 113 11.18 -21.98 -26.47
N GLY D 114 12.39 -22.53 -26.32
CA GLY D 114 13.25 -22.16 -25.20
C GLY D 114 13.74 -20.74 -25.28
N TRP D 115 13.91 -20.23 -26.50
CA TRP D 115 14.33 -18.85 -26.71
C TRP D 115 13.24 -17.92 -26.12
N PHE D 116 11.96 -18.20 -26.39
CA PHE D 116 10.87 -17.40 -25.84
C PHE D 116 10.89 -17.51 -24.31
N GLU D 117 10.96 -18.75 -23.80
CA GLU D 117 10.96 -18.99 -22.37
C GLU D 117 12.07 -18.27 -21.59
N ARG D 118 13.26 -18.16 -22.17
CA ARG D 118 14.36 -17.48 -21.47
C ARG D 118 14.49 -16.00 -21.80
N VAL D 119 14.00 -15.60 -22.98
CA VAL D 119 14.09 -14.20 -23.42
C VAL D 119 12.86 -13.35 -23.06
N PHE D 120 11.66 -13.91 -23.21
CA PHE D 120 10.43 -13.21 -22.88
C PHE D 120 10.18 -13.28 -21.38
N ILE D 121 11.04 -12.59 -20.63
CA ILE D 121 10.98 -12.53 -19.17
C ILE D 121 9.94 -11.49 -18.77
N GLY D 122 9.30 -11.67 -17.61
CA GLY D 122 8.32 -10.72 -17.13
C GLY D 122 8.91 -9.34 -16.95
N GLU D 123 8.08 -8.30 -17.09
CA GLU D 123 8.50 -6.89 -16.99
C GLU D 123 9.12 -6.44 -18.30
N PHE D 124 9.99 -7.27 -18.85
CA PHE D 124 10.63 -6.95 -20.11
C PHE D 124 9.67 -7.18 -21.29
N ALA D 125 9.14 -8.40 -21.37
CA ALA D 125 8.24 -8.78 -22.46
C ALA D 125 6.76 -8.69 -22.13
N TYR D 126 6.43 -8.58 -20.85
CA TYR D 126 5.02 -8.52 -20.46
C TYR D 126 4.79 -8.18 -18.98
N THR D 127 3.53 -7.90 -18.67
CA THR D 127 3.09 -7.61 -17.30
C THR D 127 1.64 -8.05 -17.27
N TYR D 128 1.16 -8.47 -16.11
CA TYR D 128 -0.22 -8.91 -16.02
C TYR D 128 -1.14 -7.70 -16.13
N ALA D 129 -0.55 -6.52 -15.92
CA ALA D 129 -1.30 -5.26 -15.97
C ALA D 129 -1.37 -4.68 -17.37
N ALA D 130 -0.56 -5.21 -18.28
CA ALA D 130 -0.54 -4.72 -19.65
C ALA D 130 -0.42 -5.87 -20.65
N MET D 131 -1.25 -6.89 -20.44
CA MET D 131 -1.24 -8.04 -21.32
C MET D 131 -1.74 -7.69 -22.71
N TYR D 132 -1.43 -8.56 -23.68
CA TYR D 132 -1.86 -8.40 -25.06
C TYR D 132 -1.67 -7.04 -25.70
N ASP D 133 -2.72 -6.45 -26.29
CA ASP D 133 -2.55 -5.17 -26.97
C ASP D 133 -1.86 -4.05 -26.19
N LYS D 134 -1.85 -4.12 -24.86
CA LYS D 134 -1.19 -3.09 -24.07
C LYS D 134 0.26 -3.47 -23.72
N GLY D 135 0.70 -4.62 -24.23
CA GLY D 135 2.05 -5.09 -23.95
C GLY D 135 3.20 -4.22 -24.44
N PRO D 136 4.42 -4.46 -23.93
CA PRO D 136 5.67 -3.75 -24.25
C PRO D 136 6.06 -3.72 -25.73
N PHE D 137 5.59 -4.68 -26.51
CA PHE D 137 5.94 -4.73 -27.92
C PHE D 137 4.85 -4.20 -28.85
N ARG D 138 3.91 -3.43 -28.31
CA ARG D 138 2.81 -2.88 -29.11
C ARG D 138 3.25 -2.07 -30.35
N SER D 139 4.42 -1.46 -30.29
CA SER D 139 4.92 -0.69 -31.43
C SER D 139 5.65 -1.58 -32.43
N LYS D 140 5.78 -2.86 -32.10
CA LYS D 140 6.48 -3.79 -32.98
C LYS D 140 5.51 -4.72 -33.72
N LYS D 141 6.02 -5.34 -34.78
CA LYS D 141 5.26 -6.26 -35.59
C LYS D 141 6.05 -7.57 -35.74
N ALA D 142 5.36 -8.70 -35.62
CA ALA D 142 6.00 -10.00 -35.74
C ALA D 142 5.33 -10.82 -36.83
N VAL D 143 6.09 -11.69 -37.47
CA VAL D 143 5.56 -12.53 -38.53
C VAL D 143 6.24 -13.89 -38.48
N LEU D 144 5.42 -14.94 -38.63
CA LEU D 144 5.94 -16.30 -38.64
C LEU D 144 6.03 -16.74 -40.08
N SER D 145 7.24 -17.13 -40.49
CA SER D 145 7.48 -17.66 -41.83
C SER D 145 7.73 -19.13 -41.52
N ILE D 146 6.76 -19.97 -41.85
CA ILE D 146 6.82 -21.40 -41.56
C ILE D 146 6.89 -22.29 -42.79
N THR D 147 7.61 -23.40 -42.67
CA THR D 147 7.72 -24.38 -43.74
C THR D 147 7.20 -25.68 -43.14
N THR D 148 6.55 -26.51 -43.94
CA THR D 148 6.06 -27.79 -43.44
C THR D 148 6.32 -28.93 -44.40
N GLY D 149 6.14 -30.15 -43.90
CA GLY D 149 6.31 -31.32 -44.73
C GLY D 149 4.93 -31.67 -45.27
N GLY D 150 3.92 -31.43 -44.46
CA GLY D 150 2.55 -31.72 -44.85
C GLY D 150 1.95 -30.69 -45.77
N SER D 151 1.17 -31.17 -46.74
CA SER D 151 0.53 -30.33 -47.75
C SER D 151 -0.55 -29.41 -47.18
N GLY D 152 -0.79 -28.31 -47.89
CA GLY D 152 -1.80 -27.36 -47.46
C GLY D 152 -3.16 -27.99 -47.24
N SER D 153 -3.57 -28.90 -48.12
CA SER D 153 -4.88 -29.52 -47.95
C SER D 153 -4.97 -30.29 -46.64
N MET D 154 -3.86 -30.88 -46.21
CA MET D 154 -3.84 -31.64 -44.95
C MET D 154 -4.19 -30.72 -43.78
N TYR D 155 -3.95 -29.43 -43.96
CA TYR D 155 -4.21 -28.45 -42.92
C TYR D 155 -5.44 -27.58 -43.13
N SER D 156 -6.30 -27.97 -44.07
CA SER D 156 -7.53 -27.22 -44.35
C SER D 156 -8.59 -27.70 -43.36
N LEU D 157 -9.75 -27.07 -43.36
CA LEU D 157 -10.81 -27.43 -42.43
C LEU D 157 -11.20 -28.90 -42.53
N GLN D 158 -11.04 -29.48 -43.71
CA GLN D 158 -11.37 -30.90 -43.91
C GLN D 158 -10.14 -31.80 -43.96
N GLY D 159 -8.96 -31.21 -43.82
CA GLY D 159 -7.75 -32.03 -43.82
C GLY D 159 -7.59 -32.85 -42.55
N ILE D 160 -6.87 -33.97 -42.64
CA ILE D 160 -6.67 -34.86 -41.49
C ILE D 160 -6.02 -34.24 -40.26
N HIS D 161 -5.14 -33.26 -40.47
CA HIS D 161 -4.48 -32.62 -39.34
C HIS D 161 -5.45 -31.61 -38.73
N GLY D 162 -6.31 -31.05 -39.57
CA GLY D 162 -7.25 -30.07 -39.10
C GLY D 162 -6.79 -28.66 -39.39
N ASP D 163 -7.65 -27.71 -39.06
CA ASP D 163 -7.40 -26.30 -39.28
C ASP D 163 -6.09 -25.74 -38.75
N MET D 164 -5.25 -25.25 -39.65
CA MET D 164 -3.96 -24.66 -39.31
C MET D 164 -4.12 -23.42 -38.41
N ASN D 165 -5.28 -22.77 -38.47
CA ASN D 165 -5.54 -21.59 -37.66
C ASN D 165 -5.52 -21.92 -36.17
N VAL D 166 -5.88 -23.15 -35.83
CA VAL D 166 -5.91 -23.58 -34.43
C VAL D 166 -4.46 -23.81 -33.96
N ILE D 167 -3.65 -24.37 -34.84
CA ILE D 167 -2.26 -24.66 -34.55
C ILE D 167 -1.44 -23.38 -34.33
N LEU D 168 -1.78 -22.33 -35.06
CA LEU D 168 -1.06 -21.07 -34.93
C LEU D 168 -1.47 -20.27 -33.71
N TRP D 169 -2.69 -20.48 -33.24
CA TRP D 169 -3.22 -19.71 -32.11
C TRP D 169 -2.35 -19.57 -30.85
N PRO D 170 -1.86 -20.69 -30.29
CA PRO D 170 -1.01 -20.70 -29.08
C PRO D 170 0.27 -19.88 -29.25
N ILE D 171 0.79 -19.83 -30.47
CA ILE D 171 2.00 -19.09 -30.78
C ILE D 171 1.71 -17.60 -31.02
N GLN D 172 0.90 -17.32 -32.04
CA GLN D 172 0.57 -15.93 -32.38
C GLN D 172 -0.21 -15.16 -31.31
N SER D 173 -1.20 -15.79 -30.68
CA SER D 173 -1.94 -15.11 -29.64
C SER D 173 -1.25 -15.24 -28.29
N GLY D 174 -1.07 -16.49 -27.84
CA GLY D 174 -0.42 -16.74 -26.57
C GLY D 174 1.01 -16.28 -26.39
N ILE D 175 1.82 -16.27 -27.44
CA ILE D 175 3.19 -15.82 -27.25
C ILE D 175 3.42 -14.41 -27.79
N LEU D 176 3.21 -14.23 -29.09
CA LEU D 176 3.46 -12.92 -29.71
C LEU D 176 2.54 -11.78 -29.27
N HIS D 177 1.23 -11.95 -29.47
CA HIS D 177 0.28 -10.90 -29.13
C HIS D 177 0.18 -10.64 -27.62
N PHE D 178 0.40 -11.68 -26.81
CA PHE D 178 0.33 -11.53 -25.36
C PHE D 178 1.35 -10.49 -24.92
N CYS D 179 2.45 -10.39 -25.67
CA CYS D 179 3.49 -9.44 -25.36
C CYS D 179 3.32 -8.10 -26.07
N GLY D 180 2.16 -7.90 -26.70
CA GLY D 180 1.86 -6.67 -27.38
C GLY D 180 2.08 -6.61 -28.89
N PHE D 181 2.77 -7.59 -29.43
CA PHE D 181 3.07 -7.62 -30.86
C PHE D 181 1.88 -7.54 -31.76
N GLN D 182 2.01 -6.74 -32.82
CA GLN D 182 0.97 -6.69 -33.83
C GLN D 182 1.47 -7.88 -34.63
N VAL D 183 0.62 -8.88 -34.83
CA VAL D 183 1.05 -10.06 -35.57
C VAL D 183 0.55 -9.98 -36.99
N LEU D 184 1.47 -10.10 -37.94
CA LEU D 184 1.10 -10.03 -39.35
C LEU D 184 0.74 -11.42 -39.87
N GLU D 185 0.23 -11.47 -41.09
CA GLU D 185 -0.16 -12.73 -41.71
C GLU D 185 1.04 -13.67 -41.82
N PRO D 186 0.86 -14.93 -41.41
CA PRO D 186 1.98 -15.87 -41.50
C PRO D 186 2.31 -16.24 -42.94
N GLN D 187 3.59 -16.45 -43.20
CA GLN D 187 4.07 -16.86 -44.50
C GLN D 187 4.12 -18.38 -44.41
N LEU D 188 3.09 -19.04 -44.93
CA LEU D 188 3.01 -20.50 -44.89
C LEU D 188 3.42 -21.19 -46.21
N THR D 189 4.56 -21.88 -46.20
CA THR D 189 5.00 -22.58 -47.39
C THR D 189 4.89 -24.08 -47.10
N TYR D 190 3.80 -24.66 -47.57
CA TYR D 190 3.52 -26.07 -47.34
C TYR D 190 4.35 -27.04 -48.18
N SER D 191 4.38 -28.29 -47.71
CA SER D 191 5.10 -29.37 -48.35
C SER D 191 6.31 -28.96 -49.16
N ILE D 192 7.23 -28.24 -48.52
CA ILE D 192 8.45 -27.76 -49.16
C ILE D 192 9.30 -28.91 -49.71
N GLY D 193 9.19 -30.09 -49.10
CA GLY D 193 9.95 -31.23 -49.57
C GLY D 193 9.33 -31.89 -50.79
N HIS D 194 8.16 -31.40 -51.19
CA HIS D 194 7.46 -31.93 -52.36
C HIS D 194 7.19 -30.83 -53.36
N THR D 195 8.13 -29.91 -53.47
CA THR D 195 8.00 -28.77 -54.36
C THR D 195 9.16 -28.65 -55.34
N PRO D 196 8.85 -28.55 -56.65
CA PRO D 196 9.81 -28.43 -57.75
C PRO D 196 10.80 -27.29 -57.52
N ALA D 197 11.99 -27.42 -58.10
CA ALA D 197 13.05 -26.42 -57.96
C ALA D 197 12.66 -25.03 -58.45
N ASP D 198 11.93 -24.96 -59.56
CA ASP D 198 11.50 -23.66 -60.08
C ASP D 198 10.49 -23.03 -59.15
N ALA D 199 9.59 -23.85 -58.59
CA ALA D 199 8.58 -23.36 -57.66
C ALA D 199 9.24 -22.79 -56.40
N ARG D 200 10.29 -23.45 -55.92
CA ARG D 200 10.99 -22.98 -54.72
C ARG D 200 11.61 -21.62 -54.99
N ILE D 201 12.15 -21.44 -56.18
CA ILE D 201 12.78 -20.17 -56.55
C ILE D 201 11.74 -19.07 -56.52
N GLN D 202 10.51 -19.43 -56.89
CA GLN D 202 9.41 -18.48 -56.90
C GLN D 202 8.92 -18.20 -55.49
N ILE D 203 9.04 -19.19 -54.59
CA ILE D 203 8.61 -18.99 -53.21
C ILE D 203 9.54 -17.94 -52.59
N LEU D 204 10.83 -18.08 -52.86
CA LEU D 204 11.81 -17.14 -52.33
C LEU D 204 11.54 -15.73 -52.82
N GLU D 205 11.31 -15.59 -54.13
CA GLU D 205 11.05 -14.28 -54.71
C GLU D 205 9.73 -13.69 -54.20
N GLY D 206 8.74 -14.55 -53.98
CA GLY D 206 7.45 -14.09 -53.46
C GLY D 206 7.61 -13.54 -52.06
N TRP D 207 8.44 -14.21 -51.26
CA TRP D 207 8.69 -13.78 -49.89
C TRP D 207 9.39 -12.40 -49.95
N LYS D 208 10.35 -12.23 -50.86
CA LYS D 208 11.07 -10.95 -50.96
C LYS D 208 10.13 -9.84 -51.43
N LYS D 209 9.23 -10.17 -52.35
CA LYS D 209 8.27 -9.20 -52.87
C LYS D 209 7.41 -8.66 -51.73
N ARG D 210 6.91 -9.57 -50.89
CA ARG D 210 6.05 -9.18 -49.77
C ARG D 210 6.76 -8.31 -48.73
N LEU D 211 8.04 -8.60 -48.50
CA LEU D 211 8.82 -7.86 -47.53
C LEU D 211 9.06 -6.41 -47.94
N GLU D 212 8.96 -6.13 -49.23
CA GLU D 212 9.16 -4.78 -49.71
C GLU D 212 8.14 -3.84 -49.06
N ASN D 213 6.93 -4.33 -48.84
CA ASN D 213 5.84 -3.55 -48.24
C ASN D 213 5.23 -4.18 -47.01
N ILE D 214 6.00 -5.03 -46.34
CA ILE D 214 5.50 -5.71 -45.14
C ILE D 214 4.93 -4.79 -44.06
N TRP D 215 5.57 -3.64 -43.82
CA TRP D 215 5.12 -2.71 -42.77
C TRP D 215 3.80 -1.97 -43.05
N ASP D 216 3.30 -2.05 -44.28
CA ASP D 216 2.06 -1.36 -44.63
C ASP D 216 0.88 -2.33 -44.58
N GLU D 217 1.16 -3.53 -44.06
CA GLU D 217 0.15 -4.58 -43.97
C GLU D 217 -0.75 -4.43 -42.77
N THR D 218 -1.99 -4.86 -42.94
CA THR D 218 -2.96 -4.80 -41.85
C THR D 218 -2.76 -6.12 -41.07
N PRO D 219 -2.53 -6.04 -39.75
CA PRO D 219 -2.32 -7.23 -38.92
C PRO D 219 -3.55 -8.07 -38.62
N LEU D 220 -3.30 -9.28 -38.11
CA LEU D 220 -4.35 -10.22 -37.74
C LEU D 220 -5.26 -9.62 -36.67
N TYR D 221 -6.47 -10.15 -36.57
CA TYR D 221 -7.43 -9.65 -35.58
C TYR D 221 -7.53 -10.51 -34.33
N PHE D 222 -7.28 -9.89 -33.18
CA PHE D 222 -7.39 -10.55 -31.89
C PHE D 222 -8.40 -9.70 -31.13
N ALA D 223 -9.21 -10.33 -30.27
CA ALA D 223 -10.19 -9.56 -29.50
C ALA D 223 -9.42 -8.54 -28.65
N PRO D 224 -9.85 -7.25 -28.67
CA PRO D 224 -9.16 -6.23 -27.87
C PRO D 224 -9.36 -6.47 -26.36
N SER D 225 -8.32 -6.18 -25.58
CA SER D 225 -8.38 -6.40 -24.14
C SER D 225 -9.41 -5.52 -23.43
N SER D 226 -9.95 -4.54 -24.15
CA SER D 226 -10.95 -3.64 -23.58
C SER D 226 -12.31 -4.33 -23.47
N LEU D 227 -12.41 -5.54 -24.01
CA LEU D 227 -13.67 -6.27 -23.94
C LEU D 227 -13.70 -7.16 -22.71
N PHE D 228 -12.63 -7.10 -21.91
CA PHE D 228 -12.53 -7.92 -20.69
C PHE D 228 -12.28 -7.13 -19.42
N ASP D 229 -12.71 -7.67 -18.29
CA ASP D 229 -12.47 -7.01 -17.00
C ASP D 229 -11.11 -7.54 -16.53
N LEU D 230 -10.07 -6.81 -16.89
CA LEU D 230 -8.69 -7.16 -16.58
C LEU D 230 -8.23 -7.08 -15.12
N ASN D 231 -8.98 -7.71 -14.21
CA ASN D 231 -8.59 -7.71 -12.81
C ASN D 231 -8.83 -9.09 -12.24
N PHE D 232 -8.03 -9.49 -11.27
CA PHE D 232 -8.14 -10.81 -10.67
C PHE D 232 -9.53 -11.12 -10.11
N GLN D 233 -10.26 -10.07 -9.77
CA GLN D 233 -11.61 -10.17 -9.22
C GLN D 233 -12.61 -10.80 -10.19
N ALA D 234 -12.77 -10.16 -11.34
CA ALA D 234 -13.69 -10.63 -12.39
C ALA D 234 -13.14 -11.86 -13.14
N GLY D 235 -11.91 -12.27 -12.77
CA GLY D 235 -11.29 -13.42 -13.40
C GLY D 235 -10.98 -13.22 -14.86
N PHE D 236 -10.68 -11.98 -15.23
CA PHE D 236 -10.37 -11.62 -16.60
C PHE D 236 -11.36 -12.17 -17.62
N LEU D 237 -12.63 -12.11 -17.28
CA LEU D 237 -13.69 -12.57 -18.15
C LEU D 237 -14.24 -11.40 -18.96
N MET D 238 -14.85 -11.69 -20.10
CA MET D 238 -15.43 -10.63 -20.93
C MET D 238 -16.39 -9.78 -20.11
N LYS D 239 -16.42 -8.48 -20.41
CA LYS D 239 -17.33 -7.58 -19.72
C LYS D 239 -18.73 -8.06 -20.06
N LYS D 240 -19.63 -8.05 -19.08
CA LYS D 240 -20.99 -8.53 -19.30
C LYS D 240 -21.74 -7.83 -20.44
N GLU D 241 -21.43 -6.56 -20.68
CA GLU D 241 -22.09 -5.86 -21.77
C GLU D 241 -21.64 -6.46 -23.09
N VAL D 242 -20.31 -6.65 -23.22
CA VAL D 242 -19.72 -7.22 -24.42
C VAL D 242 -20.28 -8.62 -24.68
N GLN D 243 -20.49 -9.38 -23.60
CA GLN D 243 -21.03 -10.72 -23.72
C GLN D 243 -22.45 -10.66 -24.30
N ASP D 244 -23.28 -9.78 -23.75
CA ASP D 244 -24.66 -9.62 -24.23
C ASP D 244 -24.69 -9.18 -25.68
N GLU D 245 -23.86 -8.21 -26.01
CA GLU D 245 -23.77 -7.70 -27.37
C GLU D 245 -23.30 -8.79 -28.29
N GLU D 246 -22.30 -9.53 -27.85
CA GLU D 246 -21.70 -10.61 -28.63
C GLU D 246 -22.71 -11.72 -28.88
N LYS D 247 -23.70 -11.84 -27.99
CA LYS D 247 -24.72 -12.87 -28.12
C LYS D 247 -25.52 -12.76 -29.42
N ASN D 248 -25.45 -11.61 -30.07
CA ASN D 248 -26.17 -11.41 -31.32
C ASN D 248 -25.28 -11.41 -32.55
N LYS D 249 -24.06 -11.93 -32.39
CA LYS D 249 -23.08 -12.02 -33.48
C LYS D 249 -22.98 -13.46 -33.98
N LYS D 250 -23.03 -13.63 -35.28
CA LYS D 250 -22.96 -14.95 -35.89
C LYS D 250 -21.63 -15.65 -35.61
N PHE D 251 -20.53 -14.90 -35.71
CA PHE D 251 -19.19 -15.43 -35.52
C PHE D 251 -18.52 -15.04 -34.21
N GLY D 252 -17.68 -15.94 -33.69
CA GLY D 252 -16.94 -15.65 -32.48
C GLY D 252 -15.91 -14.60 -32.88
N LEU D 253 -15.21 -14.03 -31.92
CA LEU D 253 -14.22 -12.99 -32.20
C LEU D 253 -12.92 -13.47 -32.84
N SER D 254 -12.52 -14.71 -32.56
CA SER D 254 -11.28 -15.24 -33.09
C SER D 254 -11.21 -16.74 -32.82
N VAL D 255 -10.05 -17.35 -33.08
CA VAL D 255 -9.91 -18.78 -32.81
C VAL D 255 -10.08 -19.07 -31.32
N GLY D 256 -9.35 -18.32 -30.50
CA GLY D 256 -9.42 -18.50 -29.06
C GLY D 256 -10.70 -18.03 -28.43
N HIS D 257 -11.26 -16.96 -28.98
CA HIS D 257 -12.52 -16.43 -28.45
C HIS D 257 -13.64 -16.74 -29.42
N HIS D 258 -13.78 -18.04 -29.72
CA HIS D 258 -14.80 -18.51 -30.64
C HIS D 258 -16.14 -18.49 -29.94
N LEU D 259 -16.10 -18.44 -28.62
CA LEU D 259 -17.31 -18.37 -27.83
C LEU D 259 -18.31 -19.48 -28.10
N GLY D 260 -17.89 -20.55 -28.77
CA GLY D 260 -18.81 -21.64 -29.05
C GLY D 260 -19.56 -21.51 -30.37
N LYS D 261 -19.17 -20.54 -31.17
CA LYS D 261 -19.79 -20.30 -32.47
C LYS D 261 -18.76 -20.50 -33.58
N SER D 262 -19.11 -20.10 -34.80
CA SER D 262 -18.21 -20.22 -35.93
C SER D 262 -16.98 -19.33 -35.79
N ILE D 263 -15.82 -19.91 -36.04
CA ILE D 263 -14.57 -19.18 -35.96
C ILE D 263 -14.36 -18.39 -37.24
N PRO D 264 -14.10 -17.07 -37.12
CA PRO D 264 -13.89 -16.28 -38.33
C PRO D 264 -12.90 -17.01 -39.24
N THR D 265 -13.26 -17.14 -40.51
CA THR D 265 -12.43 -17.82 -41.49
C THR D 265 -11.01 -17.26 -41.53
N ASP D 266 -10.03 -18.16 -41.44
CA ASP D 266 -8.63 -17.81 -41.47
C ASP D 266 -8.29 -16.67 -40.53
N ASN D 267 -8.85 -16.69 -39.33
CA ASN D 267 -8.61 -15.65 -38.34
C ASN D 267 -7.12 -15.48 -38.01
N GLN D 268 -6.38 -16.58 -38.07
CA GLN D 268 -4.95 -16.56 -37.74
C GLN D 268 -4.04 -16.62 -38.97
N ILE D 269 -4.63 -16.55 -40.17
CA ILE D 269 -3.87 -16.62 -41.40
C ILE D 269 -4.03 -15.38 -42.28
N LYS D 270 -5.26 -14.84 -42.28
CA LYS D 270 -5.59 -13.68 -43.08
C LYS D 270 -6.10 -12.50 -42.28
N ALA D 271 -5.55 -11.31 -42.56
CA ALA D 271 -5.94 -10.09 -41.89
C ALA D 271 -7.27 -9.55 -42.41
N ARG D 272 -7.71 -8.45 -41.80
CA ARG D 272 -8.98 -7.76 -42.12
C ARG D 272 -10.12 -8.48 -41.41
N LYS D 273 -10.37 -8.09 -40.16
CA LYS D 273 -11.41 -8.68 -39.33
C LYS D 273 -11.69 -7.78 -38.13
#